data_4W8O
#
_entry.id   4W8O
#
_cell.length_a   87.774
_cell.length_b   91.005
_cell.length_c   110.294
_cell.angle_alpha   90.000
_cell.angle_beta   90.000
_cell.angle_gamma   90.000
#
_symmetry.space_group_name_H-M   'P 21 21 21'
#
loop_
_entity.id
_entity.type
_entity.pdbx_description
1 polymer 'luciferase-like enzymeAMP-CoA-ligase'
2 non-polymer 3,6,9,12,15,18-HEXAOXAICOSANE-1,20-DIOL
3 non-polymer 'CHLORIDE ION'
4 water water
#
_entity_poly.entity_id   1
_entity_poly.type   'polypeptide(L)'
_entity_poly.pdbx_seq_one_letter_code
;MSARILKGKEFHPNFDKISFGEFLFECCEKYADRICQIDGDLDKSETYSSVKTRSTRVALNLQKKGITSTDVVCFCSTNS
LDNSIPLIASSYLGAKVVNLDPTLSVRNIQHLLSLVTPRIIFVEEESLKLIEKSLKGAKLSCEIIVFGKSTKHGTFAEMT
LPCGDEKAFKPSKTDIDDTAVMFFSSGTTGLPKAICHSHRSFLQIVETSFYCGYDCRSILHFTTMYWITGMAILGRTFLD
GSTRVFARSMEGEKTLQMIEKYKLTSLFVAPIYTYQLTNVPNPERYDLSSFRCLLTGGTPMSTDQYKKLTQLFPKAQVLF
GYGMSEIGLLSIFHPEDDKHLIDTKVGSCGKVSPRTLLKIVNPDNEEIVGPNQKGELRVKSDAMMTGYYRNDSAECFDGD
GFLKTGDIGYYDDDGCVYVIERIKEMF
;
_entity_poly.pdbx_strand_id   A,B
#
# COMPACT_ATOMS: atom_id res chain seq x y z
N ALA A 3 -30.96 -8.20 -20.15
CA ALA A 3 -30.74 -7.55 -18.83
C ALA A 3 -29.35 -7.86 -18.29
N ARG A 4 -28.56 -6.83 -18.07
CA ARG A 4 -27.20 -7.01 -17.55
C ARG A 4 -26.77 -5.83 -16.68
N ILE A 5 -25.67 -6.06 -15.96
CA ILE A 5 -25.04 -5.06 -15.12
C ILE A 5 -23.84 -4.52 -15.88
N LEU A 6 -23.82 -3.22 -16.14
CA LEU A 6 -22.71 -2.59 -16.85
C LEU A 6 -21.48 -2.54 -15.94
N LYS A 7 -20.31 -2.86 -16.49
CA LYS A 7 -19.10 -2.96 -15.70
C LYS A 7 -18.01 -2.18 -16.40
N GLY A 8 -17.39 -1.24 -15.68
CA GLY A 8 -16.30 -0.45 -16.25
C GLY A 8 -15.01 -1.24 -16.36
N LYS A 9 -14.04 -0.68 -17.05
CA LYS A 9 -12.77 -1.35 -17.30
C LYS A 9 -11.99 -1.47 -16.00
N GLU A 10 -11.11 -2.46 -15.94
CA GLU A 10 -10.29 -2.66 -14.74
C GLU A 10 -9.10 -1.72 -14.71
N PHE A 11 -8.63 -1.44 -13.49
CA PHE A 11 -7.32 -0.85 -13.28
C PHE A 11 -6.75 -1.41 -11.99
N HIS A 12 -5.46 -1.22 -11.78
CA HIS A 12 -4.80 -1.69 -10.57
C HIS A 12 -4.64 -0.50 -9.62
N PRO A 13 -5.39 -0.48 -8.50
CA PRO A 13 -5.29 0.71 -7.64
C PRO A 13 -3.92 0.86 -7.00
N ASN A 14 -3.34 2.06 -7.07
CA ASN A 14 -2.07 2.36 -6.42
C ASN A 14 -2.19 3.17 -5.13
N PHE A 15 -3.38 3.71 -4.86
CA PHE A 15 -3.56 4.56 -3.69
C PHE A 15 -4.66 4.02 -2.76
N ASP A 16 -4.58 2.72 -2.49
CA ASP A 16 -5.60 2.02 -1.68
C ASP A 16 -5.09 1.54 -0.33
N LYS A 17 -3.86 1.90 0.02
CA LYS A 17 -3.26 1.47 1.29
C LYS A 17 -2.74 2.63 2.13
N ILE A 18 -3.17 3.85 1.82
CA ILE A 18 -2.65 5.01 2.55
C ILE A 18 -3.74 6.00 2.91
N SER A 19 -3.40 6.92 3.80
CA SER A 19 -4.32 7.98 4.18
C SER A 19 -4.31 9.04 3.10
N PHE A 20 -5.35 9.87 3.09
CA PHE A 20 -5.45 11.01 2.18
C PHE A 20 -4.31 12.00 2.44
N GLY A 21 -3.95 12.19 3.71
CA GLY A 21 -2.81 13.03 4.07
C GLY A 21 -1.47 12.54 3.53
N GLU A 22 -1.20 11.24 3.70
CA GLU A 22 0.00 10.62 3.15
C GLU A 22 0.05 10.74 1.62
N PHE A 23 -1.11 10.57 0.98
CA PHE A 23 -1.24 10.78 -0.45
C PHE A 23 -0.75 12.18 -0.84
N LEU A 24 -1.38 13.20 -0.26
CA LEU A 24 -1.06 14.58 -0.62
C LEU A 24 0.41 14.90 -0.38
N PHE A 25 0.94 14.43 0.75
CA PHE A 25 2.34 14.63 1.14
C PHE A 25 3.29 14.01 0.11
N GLU A 26 3.04 12.73 -0.21
CA GLU A 26 3.84 12.02 -1.21
C GLU A 26 3.80 12.71 -2.57
N CYS A 27 2.61 13.17 -2.98
CA CYS A 27 2.48 13.89 -4.25
C CYS A 27 3.34 15.16 -4.25
N CYS A 28 3.32 15.90 -3.14
CA CYS A 28 4.15 17.09 -3.00
C CYS A 28 5.65 16.77 -3.20
N GLU A 29 6.14 15.71 -2.56
CA GLU A 29 7.56 15.32 -2.68
C GLU A 29 7.91 14.93 -4.11
N LYS A 30 7.02 14.16 -4.72
CA LYS A 30 7.25 13.64 -6.06
C LYS A 30 7.29 14.75 -7.10
N TYR A 31 6.41 15.73 -6.96
CA TYR A 31 6.26 16.80 -7.97
C TYR A 31 6.66 18.18 -7.44
N ALA A 32 7.65 18.21 -6.56
CA ALA A 32 8.04 19.42 -5.82
C ALA A 32 8.22 20.70 -6.66
N ASP A 33 8.89 20.59 -7.81
CA ASP A 33 9.23 21.77 -8.61
C ASP A 33 8.11 22.21 -9.55
N ARG A 34 7.11 21.37 -9.76
CA ARG A 34 5.97 21.71 -10.61
C ARG A 34 5.05 22.74 -9.95
N ILE A 35 4.20 23.37 -10.76
CA ILE A 35 3.24 24.35 -10.25
C ILE A 35 2.00 23.61 -9.74
N CYS A 36 1.72 23.77 -8.44
CA CYS A 36 0.56 23.12 -7.84
C CYS A 36 -0.75 23.84 -8.18
N GLN A 37 -0.77 25.14 -7.93
CA GLN A 37 -1.97 25.96 -8.03
C GLN A 37 -1.67 27.36 -8.58
N ILE A 38 -2.64 27.87 -9.35
CA ILE A 38 -2.58 29.21 -9.93
C ILE A 38 -3.92 29.91 -9.65
N ASP A 39 -3.86 31.07 -9.00
CA ASP A 39 -4.98 31.99 -8.92
C ASP A 39 -5.11 32.77 -10.24
N GLY A 40 -6.06 32.37 -11.06
CA GLY A 40 -6.31 33.03 -12.35
C GLY A 40 -6.69 34.50 -12.26
N ASP A 41 -7.28 34.93 -11.16
CA ASP A 41 -7.68 36.32 -10.98
C ASP A 41 -6.49 37.22 -10.68
N LEU A 42 -5.63 36.78 -9.76
CA LEU A 42 -4.49 37.56 -9.31
C LEU A 42 -3.21 37.29 -10.08
N ASP A 43 -3.20 36.24 -10.90
CA ASP A 43 -2.01 35.81 -11.63
C ASP A 43 -0.84 35.55 -10.67
N LYS A 44 -1.14 34.81 -9.59
CA LYS A 44 -0.12 34.32 -8.68
C LYS A 44 -0.16 32.79 -8.71
N SER A 45 0.99 32.16 -8.45
CA SER A 45 1.08 30.72 -8.49
C SER A 45 1.91 30.22 -7.31
N GLU A 46 1.89 28.90 -7.10
CA GLU A 46 2.67 28.30 -6.04
C GLU A 46 3.06 26.87 -6.42
N THR A 47 4.29 26.49 -6.06
CA THR A 47 4.80 25.16 -6.38
C THR A 47 4.36 24.15 -5.33
N TYR A 48 4.47 22.87 -5.68
CA TYR A 48 4.20 21.77 -4.75
C TYR A 48 5.15 21.82 -3.57
N SER A 49 6.41 22.17 -3.83
CA SER A 49 7.39 22.37 -2.79
C SER A 49 6.93 23.39 -1.75
N SER A 50 6.51 24.56 -2.23
CA SER A 50 6.05 25.62 -1.36
C SER A 50 4.79 25.22 -0.61
N VAL A 51 3.88 24.53 -1.28
CA VAL A 51 2.67 24.04 -0.63
C VAL A 51 2.99 23.05 0.49
N LYS A 52 3.97 22.19 0.25
CA LYS A 52 4.43 21.23 1.27
C LYS A 52 4.96 21.94 2.51
N THR A 53 5.74 22.99 2.29
CA THR A 53 6.34 23.75 3.38
C THR A 53 5.28 24.43 4.25
N ARG A 54 4.35 25.12 3.60
CA ARG A 54 3.34 25.88 4.34
C ARG A 54 2.37 24.95 5.06
N SER A 55 1.93 23.89 4.39
CA SER A 55 1.01 22.93 4.99
C SER A 55 1.65 22.18 6.15
N THR A 56 2.94 21.84 6.03
CA THR A 56 3.66 21.17 7.12
C THR A 56 3.67 22.07 8.36
N ARG A 57 3.93 23.36 8.16
CA ARG A 57 3.95 24.32 9.26
C ARG A 57 2.58 24.49 9.90
N VAL A 58 1.54 24.58 9.08
CA VAL A 58 0.18 24.64 9.60
C VAL A 58 -0.14 23.38 10.42
N ALA A 59 0.24 22.21 9.91
CA ALA A 59 -0.01 20.93 10.59
C ALA A 59 0.66 20.86 11.96
N LEU A 60 1.93 21.26 12.02
CA LEU A 60 2.66 21.25 13.29
C LEU A 60 1.99 22.18 14.31
N ASN A 61 1.46 23.30 13.86
CA ASN A 61 0.75 24.20 14.76
C ASN A 61 -0.62 23.64 15.15
N LEU A 62 -1.33 23.03 14.20
CA LEU A 62 -2.59 22.35 14.52
C LEU A 62 -2.39 21.25 15.60
N GLN A 63 -1.26 20.57 15.51
CA GLN A 63 -0.89 19.51 16.44
C GLN A 63 -0.71 20.06 17.86
N LYS A 64 -0.07 21.23 17.95
CA LYS A 64 0.13 21.89 19.24
C LYS A 64 -1.19 22.35 19.85
N LYS A 65 -2.18 22.67 18.99
CA LYS A 65 -3.53 23.01 19.46
C LYS A 65 -4.35 21.79 19.89
N GLY A 66 -3.79 20.59 19.76
CA GLY A 66 -4.42 19.37 20.24
C GLY A 66 -5.24 18.63 19.19
N ILE A 67 -5.08 18.99 17.91
CA ILE A 67 -5.80 18.32 16.81
C ILE A 67 -5.23 16.93 16.57
N THR A 68 -6.12 15.95 16.47
CA THR A 68 -5.75 14.58 16.14
C THR A 68 -6.75 14.04 15.13
N SER A 69 -6.58 12.77 14.75
CA SER A 69 -7.39 12.19 13.70
C SER A 69 -8.89 12.15 14.00
N THR A 70 -9.28 12.19 15.28
CA THR A 70 -10.70 12.15 15.63
C THR A 70 -11.44 13.49 15.42
N ASP A 71 -10.70 14.58 15.29
CA ASP A 71 -11.32 15.90 15.15
C ASP A 71 -11.81 16.19 13.74
N VAL A 72 -12.82 17.04 13.66
CA VAL A 72 -13.31 17.58 12.37
C VAL A 72 -12.82 19.01 12.21
N VAL A 73 -12.24 19.32 11.05
CA VAL A 73 -11.81 20.68 10.76
C VAL A 73 -12.63 21.16 9.57
N CYS A 74 -13.25 22.32 9.75
CA CYS A 74 -14.17 22.87 8.78
C CYS A 74 -13.60 24.08 8.06
N PHE A 75 -14.06 24.33 6.84
CA PHE A 75 -13.58 25.43 6.01
C PHE A 75 -14.75 26.16 5.37
N CYS A 76 -14.74 27.49 5.47
CA CYS A 76 -15.71 28.33 4.76
C CYS A 76 -15.00 29.45 4.00
N SER A 77 -14.69 29.18 2.74
CA SER A 77 -13.93 30.13 1.93
C SER A 77 -14.11 29.85 0.44
N THR A 78 -14.11 30.92 -0.35
CA THR A 78 -13.92 30.81 -1.79
C THR A 78 -12.50 30.33 -2.05
N ASN A 79 -12.21 30.04 -3.31
CA ASN A 79 -10.89 29.55 -3.69
C ASN A 79 -9.84 30.66 -3.67
N SER A 80 -8.68 30.33 -3.11
CA SER A 80 -7.54 31.26 -3.03
C SER A 80 -6.28 30.41 -2.97
N LEU A 81 -5.11 31.05 -2.95
CA LEU A 81 -3.87 30.30 -2.75
C LEU A 81 -3.71 29.75 -1.33
N ASP A 82 -4.58 30.17 -0.41
CA ASP A 82 -4.48 29.71 0.99
C ASP A 82 -5.56 28.74 1.44
N ASN A 83 -6.71 28.71 0.77
CA ASN A 83 -7.87 28.01 1.34
C ASN A 83 -7.67 26.49 1.49
N SER A 84 -6.89 25.88 0.61
CA SER A 84 -6.62 24.45 0.71
C SER A 84 -5.43 24.09 1.64
N ILE A 85 -4.62 25.07 2.02
CA ILE A 85 -3.40 24.78 2.81
C ILE A 85 -3.71 24.12 4.17
N PRO A 86 -4.65 24.71 4.95
CA PRO A 86 -5.00 24.10 6.22
C PRO A 86 -5.84 22.81 6.10
N LEU A 87 -6.50 22.62 4.97
CA LEU A 87 -7.19 21.36 4.67
C LEU A 87 -6.16 20.23 4.47
N ILE A 88 -5.14 20.51 3.66
CA ILE A 88 -4.03 19.60 3.42
C ILE A 88 -3.33 19.27 4.73
N ALA A 89 -3.07 20.33 5.51
CA ALA A 89 -2.42 20.22 6.81
C ALA A 89 -3.23 19.32 7.76
N SER A 90 -4.52 19.57 7.84
CA SER A 90 -5.43 18.78 8.68
C SER A 90 -5.44 17.31 8.24
N SER A 91 -5.43 17.09 6.92
CA SER A 91 -5.34 15.74 6.38
C SER A 91 -4.05 15.02 6.76
N TYR A 92 -2.93 15.75 6.87
CA TYR A 92 -1.66 15.16 7.33
C TYR A 92 -1.83 14.54 8.71
N LEU A 93 -2.67 15.13 9.54
CA LEU A 93 -2.92 14.64 10.90
C LEU A 93 -4.03 13.60 10.96
N GLY A 94 -4.60 13.26 9.81
CA GLY A 94 -5.69 12.28 9.75
C GLY A 94 -7.03 12.82 10.23
N ALA A 95 -7.13 14.14 10.43
CA ALA A 95 -8.40 14.74 10.84
C ALA A 95 -9.40 14.74 9.69
N LYS A 96 -10.69 14.80 10.03
CA LYS A 96 -11.76 14.82 9.04
C LYS A 96 -11.90 16.24 8.52
N VAL A 97 -11.90 16.42 7.21
CA VAL A 97 -12.07 17.75 6.61
C VAL A 97 -13.39 17.89 5.88
N VAL A 98 -13.99 19.07 6.00
CA VAL A 98 -15.29 19.35 5.40
C VAL A 98 -15.41 20.83 5.05
N ASN A 99 -16.02 21.10 3.90
CA ASN A 99 -16.19 22.48 3.43
C ASN A 99 -17.64 22.93 3.45
N LEU A 100 -17.85 24.19 3.83
CA LEU A 100 -19.16 24.83 3.77
C LEU A 100 -19.20 25.83 2.61
N ASP A 101 -20.39 26.05 2.07
CA ASP A 101 -20.57 26.99 0.96
C ASP A 101 -20.82 28.38 1.55
N PRO A 102 -19.95 29.35 1.22
CA PRO A 102 -20.12 30.73 1.68
C PRO A 102 -21.44 31.40 1.23
N THR A 103 -22.07 30.87 0.19
CA THR A 103 -23.33 31.42 -0.31
C THR A 103 -24.56 30.87 0.40
N LEU A 104 -24.38 29.98 1.37
CA LEU A 104 -25.52 29.42 2.09
C LEU A 104 -25.99 30.37 3.19
N SER A 105 -27.29 30.32 3.48
CA SER A 105 -27.89 31.14 4.53
C SER A 105 -27.39 30.73 5.90
N VAL A 106 -27.63 31.60 6.87
CA VAL A 106 -27.32 31.33 8.27
C VAL A 106 -28.03 30.06 8.73
N ARG A 107 -29.31 29.92 8.41
CA ARG A 107 -30.04 28.74 8.85
C ARG A 107 -29.46 27.45 8.27
N ASN A 108 -29.05 27.49 7.01
CA ASN A 108 -28.47 26.29 6.40
C ASN A 108 -27.11 25.96 7.01
N ILE A 109 -26.29 26.98 7.23
CA ILE A 109 -24.97 26.77 7.80
C ILE A 109 -25.11 26.20 9.22
N GLN A 110 -26.03 26.76 9.99
CA GLN A 110 -26.33 26.27 11.34
C GLN A 110 -26.59 24.78 11.36
N HIS A 111 -27.43 24.32 10.46
CA HIS A 111 -27.71 22.89 10.38
C HIS A 111 -26.46 22.08 10.05
N LEU A 112 -25.68 22.55 9.08
CA LEU A 112 -24.47 21.83 8.65
C LEU A 112 -23.47 21.73 9.79
N LEU A 113 -23.27 22.82 10.51
CA LEU A 113 -22.39 22.82 11.68
C LEU A 113 -22.88 21.84 12.76
N SER A 114 -24.19 21.78 12.94
CA SER A 114 -24.78 20.89 13.95
C SER A 114 -24.57 19.42 13.57
N LEU A 115 -24.48 19.14 12.27
CA LEU A 115 -24.17 17.78 11.82
C LEU A 115 -22.74 17.35 12.17
N VAL A 116 -21.75 18.23 11.94
CA VAL A 116 -20.35 17.85 12.03
C VAL A 116 -19.58 18.42 13.23
N THR A 117 -20.18 19.37 13.95
CA THR A 117 -19.64 19.94 15.19
C THR A 117 -18.11 20.04 15.18
N PRO A 118 -17.56 20.97 14.37
CA PRO A 118 -16.11 21.03 14.16
C PRO A 118 -15.34 21.62 15.34
N ARG A 119 -14.08 21.23 15.46
CA ARG A 119 -13.21 21.76 16.50
C ARG A 119 -12.63 23.10 16.09
N ILE A 120 -12.36 23.24 14.82
CA ILE A 120 -11.85 24.49 14.27
C ILE A 120 -12.58 24.72 12.97
N ILE A 121 -12.83 25.99 12.67
CA ILE A 121 -13.28 26.39 11.35
C ILE A 121 -12.40 27.52 10.81
N PHE A 122 -11.80 27.30 9.65
CA PHE A 122 -11.09 28.33 8.90
C PHE A 122 -12.10 29.07 8.02
N VAL A 123 -12.07 30.41 8.08
CA VAL A 123 -13.08 31.23 7.41
C VAL A 123 -12.46 32.44 6.70
N GLU A 124 -12.94 32.71 5.48
CA GLU A 124 -12.59 33.94 4.77
C GLU A 124 -13.21 35.13 5.50
N GLU A 125 -12.57 36.30 5.37
CA GLU A 125 -13.08 37.52 6.02
C GLU A 125 -14.55 37.80 5.67
N GLU A 126 -14.91 37.53 4.42
CA GLU A 126 -16.23 37.86 3.90
C GLU A 126 -17.34 36.97 4.49
N SER A 127 -16.95 35.82 5.04
CA SER A 127 -17.91 34.86 5.58
C SER A 127 -17.81 34.80 7.12
N LEU A 128 -17.03 35.68 7.72
CA LEU A 128 -16.82 35.65 9.18
C LEU A 128 -18.13 35.88 9.96
N LYS A 129 -18.90 36.91 9.60
CA LYS A 129 -20.17 37.20 10.30
C LYS A 129 -21.17 36.06 10.15
N LEU A 130 -21.25 35.51 8.94
CA LEU A 130 -22.09 34.35 8.67
C LEU A 130 -21.78 33.20 9.63
N ILE A 131 -20.49 32.86 9.75
CA ILE A 131 -20.06 31.78 10.63
C ILE A 131 -20.31 32.13 12.12
N GLU A 132 -19.95 33.33 12.53
CA GLU A 132 -20.20 33.78 13.91
C GLU A 132 -21.69 33.67 14.27
N LYS A 133 -22.56 34.14 13.38
CA LYS A 133 -24.00 34.07 13.63
C LYS A 133 -24.51 32.65 13.68
N SER A 134 -23.99 31.80 12.78
CA SER A 134 -24.43 30.41 12.71
C SER A 134 -24.03 29.66 13.97
N LEU A 135 -22.81 29.88 14.45
CA LEU A 135 -22.35 29.23 15.68
C LEU A 135 -23.17 29.68 16.87
N LYS A 136 -23.46 30.98 16.93
CA LYS A 136 -24.30 31.52 18.00
C LYS A 136 -25.68 30.84 17.98
N GLY A 137 -26.30 30.79 16.80
CA GLY A 137 -27.58 30.11 16.65
C GLY A 137 -27.54 28.63 17.04
N ALA A 138 -26.56 27.90 16.51
CA ALA A 138 -26.41 26.48 16.83
C ALA A 138 -26.00 26.22 18.28
N LYS A 139 -25.61 27.28 19.00
CA LYS A 139 -25.11 27.17 20.38
C LYS A 139 -23.90 26.23 20.45
N LEU A 140 -22.97 26.42 19.52
CA LEU A 140 -21.77 25.60 19.43
C LEU A 140 -20.55 26.43 19.76
N SER A 141 -19.63 25.82 20.49
CA SER A 141 -18.31 26.41 20.69
C SER A 141 -17.36 25.82 19.67
N CYS A 142 -16.54 26.67 19.08
CA CYS A 142 -15.63 26.28 18.02
C CYS A 142 -14.62 27.38 17.84
N GLU A 143 -13.36 27.01 17.68
CA GLU A 143 -12.33 27.99 17.38
C GLU A 143 -12.50 28.44 15.92
N ILE A 144 -12.44 29.75 15.70
CA ILE A 144 -12.45 30.31 14.36
C ILE A 144 -11.05 30.81 14.02
N ILE A 145 -10.59 30.52 12.81
CA ILE A 145 -9.31 31.05 12.32
C ILE A 145 -9.58 31.73 10.98
N VAL A 146 -9.20 33.00 10.88
CA VAL A 146 -9.56 33.83 9.73
C VAL A 146 -8.45 33.84 8.69
N PHE A 147 -8.82 33.71 7.41
CA PHE A 147 -7.91 33.98 6.31
C PHE A 147 -7.79 35.49 6.15
N GLY A 148 -6.93 36.10 6.95
CA GLY A 148 -6.77 37.54 6.93
C GLY A 148 -6.43 38.04 8.31
N LYS A 149 -6.91 39.24 8.63
CA LYS A 149 -6.60 39.90 9.89
C LYS A 149 -7.72 39.65 10.89
N SER A 150 -7.34 39.46 12.14
CA SER A 150 -8.30 39.40 13.22
C SER A 150 -7.61 39.69 14.54
N THR A 151 -8.29 40.42 15.41
CA THR A 151 -7.91 40.55 16.81
C THR A 151 -8.65 39.51 17.66
N LYS A 152 -9.91 39.28 17.29
CA LYS A 152 -10.84 38.48 18.07
C LYS A 152 -10.53 36.98 17.94
N HIS A 153 -10.15 36.58 16.72
CA HIS A 153 -9.86 35.19 16.41
C HIS A 153 -8.41 35.05 15.96
N GLY A 154 -7.95 33.81 15.88
CA GLY A 154 -6.64 33.50 15.31
C GLY A 154 -6.64 33.75 13.81
N THR A 155 -5.45 33.78 13.22
CA THR A 155 -5.31 34.05 11.79
C THR A 155 -4.54 32.94 11.10
N PHE A 156 -4.75 32.82 9.80
CA PHE A 156 -4.04 31.82 8.99
C PHE A 156 -2.54 32.11 8.98
N ALA A 157 -2.18 33.37 8.87
CA ALA A 157 -0.78 33.81 8.88
C ALA A 157 -0.04 33.33 10.14
N GLU A 158 -0.72 33.34 11.29
CA GLU A 158 -0.16 32.81 12.54
C GLU A 158 0.09 31.30 12.45
N MET A 159 -0.83 30.58 11.81
CA MET A 159 -0.70 29.11 11.67
C MET A 159 0.46 28.69 10.76
N THR A 160 0.91 29.60 9.87
CA THR A 160 2.05 29.31 8.99
C THR A 160 3.40 29.63 9.64
N LEU A 161 3.40 30.11 10.89
CA LEU A 161 4.65 30.45 11.57
C LEU A 161 5.49 29.18 11.74
N PRO A 162 6.75 29.21 11.24
CA PRO A 162 7.59 28.03 11.35
C PRO A 162 7.97 27.73 12.80
N CYS A 163 7.78 26.47 13.21
CA CYS A 163 8.25 26.00 14.51
C CYS A 163 8.11 24.49 14.58
N GLY A 164 8.98 23.87 15.36
CA GLY A 164 9.03 22.43 15.45
C GLY A 164 9.96 21.87 14.40
N ASP A 165 10.11 20.55 14.42
CA ASP A 165 10.99 19.87 13.49
C ASP A 165 10.24 19.66 12.17
N GLU A 166 10.30 20.68 11.31
CA GLU A 166 9.64 20.63 10.01
C GLU A 166 10.22 19.53 9.16
N LYS A 167 11.53 19.34 9.29
CA LYS A 167 12.25 18.37 8.50
C LYS A 167 11.80 16.94 8.81
N ALA A 168 11.55 16.67 10.09
CA ALA A 168 11.19 15.33 10.53
C ALA A 168 9.70 15.03 10.39
N PHE A 169 8.86 16.05 10.24
CA PHE A 169 7.42 15.82 10.23
C PHE A 169 7.01 14.84 9.16
N LYS A 170 6.16 13.89 9.55
CA LYS A 170 5.53 12.98 8.63
C LYS A 170 4.03 12.93 8.96
N PRO A 171 3.18 12.76 7.95
CA PRO A 171 1.76 12.57 8.24
C PRO A 171 1.52 11.43 9.23
N SER A 172 0.53 11.60 10.10
CA SER A 172 0.20 10.60 11.12
C SER A 172 -0.26 9.31 10.47
N LYS A 173 0.16 8.19 11.03
CA LYS A 173 -0.41 6.90 10.68
C LYS A 173 -1.84 6.88 11.20
N THR A 174 -2.76 6.36 10.41
CA THR A 174 -4.16 6.28 10.83
C THR A 174 -4.84 5.06 10.21
N ASP A 175 -6.10 4.86 10.56
CA ASP A 175 -6.88 3.75 10.02
C ASP A 175 -7.45 4.23 8.68
N ILE A 176 -7.08 3.58 7.59
CA ILE A 176 -7.51 4.04 6.25
C ILE A 176 -9.00 3.85 5.95
N ASP A 177 -9.72 3.11 6.79
CA ASP A 177 -11.18 3.03 6.69
C ASP A 177 -11.92 4.06 7.54
N ASP A 178 -11.18 4.85 8.31
CA ASP A 178 -11.77 5.98 9.01
C ASP A 178 -12.12 7.07 7.99
N THR A 179 -12.99 7.97 8.40
CA THR A 179 -13.42 9.09 7.57
C THR A 179 -12.27 10.07 7.35
N ALA A 180 -12.06 10.44 6.09
CA ALA A 180 -11.07 11.43 5.71
C ALA A 180 -11.71 12.75 5.26
N VAL A 181 -12.78 12.66 4.47
CA VAL A 181 -13.45 13.81 3.88
C VAL A 181 -14.97 13.63 4.01
N MET A 182 -15.69 14.73 4.25
CA MET A 182 -17.15 14.71 4.31
C MET A 182 -17.78 15.68 3.30
N PHE A 183 -18.98 15.31 2.82
CA PHE A 183 -19.81 16.18 1.99
C PHE A 183 -21.23 16.10 2.56
N PHE A 184 -22.17 16.82 1.95
CA PHE A 184 -23.52 16.89 2.47
C PHE A 184 -24.54 16.40 1.45
N SER A 185 -25.45 15.54 1.91
CA SER A 185 -26.46 14.94 1.06
C SER A 185 -27.44 15.99 0.60
N SER A 186 -28.15 15.66 -0.48
CA SER A 186 -29.18 16.53 -1.04
C SER A 186 -30.28 15.67 -1.62
N GLY A 187 -30.91 14.87 -0.76
CA GLY A 187 -32.08 14.09 -1.16
C GLY A 187 -33.25 14.99 -1.52
N THR A 188 -34.22 14.45 -2.26
CA THR A 188 -35.37 15.23 -2.70
C THR A 188 -36.36 15.54 -1.56
N THR A 189 -36.17 14.89 -0.41
CA THR A 189 -36.86 15.28 0.82
C THR A 189 -35.92 15.11 2.02
N GLY A 190 -36.24 15.77 3.13
CA GLY A 190 -35.40 15.73 4.33
C GLY A 190 -34.20 16.66 4.25
N LEU A 191 -33.64 16.99 5.41
CA LEU A 191 -32.51 17.90 5.50
C LEU A 191 -31.20 17.20 5.17
N PRO A 192 -30.14 17.97 4.84
CA PRO A 192 -28.85 17.34 4.55
C PRO A 192 -28.31 16.45 5.68
N LYS A 193 -27.49 15.49 5.27
CA LYS A 193 -26.75 14.63 6.19
C LYS A 193 -25.30 14.64 5.75
N ALA A 194 -24.40 14.28 6.67
CA ALA A 194 -22.98 14.35 6.40
C ALA A 194 -22.51 13.02 5.78
N ILE A 195 -22.29 13.07 4.48
CA ILE A 195 -21.71 11.96 3.73
C ILE A 195 -20.25 11.76 4.14
N CYS A 196 -19.90 10.55 4.56
CA CYS A 196 -18.53 10.24 4.97
C CYS A 196 -17.80 9.44 3.91
N HIS A 197 -16.67 9.96 3.43
CA HIS A 197 -15.72 9.17 2.66
C HIS A 197 -14.52 8.82 3.51
N SER A 198 -14.08 7.57 3.42
CA SER A 198 -12.88 7.10 4.08
C SER A 198 -11.68 7.54 3.26
N HIS A 199 -10.50 7.33 3.82
CA HIS A 199 -9.28 7.57 3.07
C HIS A 199 -9.33 6.74 1.81
N ARG A 200 -9.72 5.48 1.96
CA ARG A 200 -9.78 4.57 0.82
C ARG A 200 -10.81 5.00 -0.22
N SER A 201 -12.04 5.26 0.24
CA SER A 201 -13.11 5.60 -0.69
C SER A 201 -12.84 6.91 -1.42
N PHE A 202 -12.35 7.94 -0.72
CA PHE A 202 -12.07 9.19 -1.40
C PHE A 202 -10.92 9.04 -2.40
N LEU A 203 -9.88 8.32 -2.00
CA LEU A 203 -8.77 8.09 -2.91
C LEU A 203 -9.20 7.29 -4.16
N GLN A 204 -10.23 6.46 -4.04
CA GLN A 204 -10.77 5.79 -5.22
C GLN A 204 -11.63 6.71 -6.09
N ILE A 205 -12.29 7.69 -5.50
CA ILE A 205 -12.95 8.72 -6.31
C ILE A 205 -11.88 9.37 -7.19
N VAL A 206 -10.75 9.71 -6.58
CA VAL A 206 -9.65 10.38 -7.25
C VAL A 206 -8.99 9.45 -8.29
N GLU A 207 -8.70 8.22 -7.89
CA GLU A 207 -8.00 7.30 -8.78
C GLU A 207 -8.89 6.86 -9.96
N THR A 208 -10.18 6.63 -9.68
CA THR A 208 -11.13 6.26 -10.73
C THR A 208 -11.24 7.39 -11.77
N SER A 209 -11.27 8.63 -11.31
CA SER A 209 -11.32 9.77 -12.22
C SER A 209 -10.06 9.86 -13.11
N PHE A 210 -8.89 9.49 -12.58
CA PHE A 210 -7.67 9.41 -13.36
C PHE A 210 -7.77 8.38 -14.50
N TYR A 211 -8.28 7.19 -14.19
CA TYR A 211 -8.44 6.14 -15.21
C TYR A 211 -9.59 6.38 -16.18
N CYS A 212 -10.41 7.40 -15.95
CA CYS A 212 -11.39 7.83 -16.95
C CYS A 212 -10.67 8.38 -18.18
N GLY A 213 -9.44 8.82 -17.98
CA GLY A 213 -8.52 9.08 -19.09
C GLY A 213 -8.46 10.51 -19.61
N TYR A 214 -9.26 11.40 -19.03
CA TYR A 214 -9.30 12.77 -19.54
C TYR A 214 -8.11 13.62 -19.08
N ASP A 215 -7.74 14.59 -19.90
CA ASP A 215 -6.57 15.44 -19.70
C ASP A 215 -6.81 16.45 -18.57
N CYS A 216 -5.91 16.48 -17.58
CA CYS A 216 -5.99 17.39 -16.43
C CYS A 216 -4.69 18.17 -16.20
N ARG A 217 -3.77 18.17 -17.18
CA ARG A 217 -2.44 18.72 -16.94
C ARG A 217 -2.47 20.17 -16.47
N SER A 218 -3.39 20.95 -17.04
CA SER A 218 -3.66 22.29 -16.55
C SER A 218 -5.18 22.53 -16.60
N ILE A 219 -5.82 22.39 -15.44
CA ILE A 219 -7.28 22.39 -15.37
C ILE A 219 -7.82 23.60 -14.60
N LEU A 220 -8.75 24.32 -15.22
CA LEU A 220 -9.42 25.47 -14.61
C LEU A 220 -10.77 25.04 -14.05
N HIS A 221 -11.12 25.57 -12.88
CA HIS A 221 -12.48 25.40 -12.38
C HIS A 221 -12.90 26.59 -11.54
N PHE A 222 -14.19 26.69 -11.30
CA PHE A 222 -14.78 27.79 -10.55
C PHE A 222 -15.43 27.35 -9.26
N THR A 223 -15.80 26.07 -9.17
CA THR A 223 -16.50 25.54 -8.00
C THR A 223 -15.63 25.60 -6.76
N THR A 224 -16.25 25.90 -5.64
CA THR A 224 -15.59 25.93 -4.34
C THR A 224 -15.43 24.50 -3.83
N MET A 225 -14.69 24.36 -2.72
CA MET A 225 -14.37 23.05 -2.16
C MET A 225 -15.55 22.42 -1.43
N TYR A 226 -16.62 23.18 -1.27
CA TYR A 226 -17.91 22.64 -0.84
C TYR A 226 -18.37 21.51 -1.76
N TRP A 227 -18.14 21.68 -3.05
CA TRP A 227 -18.60 20.73 -4.06
C TRP A 227 -17.61 19.60 -4.25
N ILE A 228 -18.14 18.40 -4.41
CA ILE A 228 -17.34 17.22 -4.77
C ILE A 228 -16.36 17.53 -5.90
N THR A 229 -16.78 18.27 -6.91
CA THR A 229 -15.89 18.57 -8.04
C THR A 229 -14.63 19.35 -7.62
N GLY A 230 -14.81 20.34 -6.74
CA GLY A 230 -13.66 21.09 -6.21
C GLY A 230 -12.63 20.17 -5.55
N MET A 231 -13.09 19.36 -4.60
CA MET A 231 -12.21 18.45 -3.86
C MET A 231 -11.63 17.36 -4.75
N ALA A 232 -12.46 16.80 -5.63
CA ALA A 232 -11.99 15.75 -6.53
C ALA A 232 -10.95 16.28 -7.54
N ILE A 233 -11.12 17.51 -8.02
CA ILE A 233 -10.13 18.11 -8.94
C ILE A 233 -8.81 18.32 -8.20
N LEU A 234 -8.85 18.84 -6.99
CA LEU A 234 -7.62 19.00 -6.21
C LEU A 234 -6.88 17.66 -6.07
N GLY A 235 -7.58 16.63 -5.60
CA GLY A 235 -7.00 15.30 -5.47
C GLY A 235 -6.39 14.78 -6.76
N ARG A 236 -7.15 14.94 -7.85
CA ARG A 236 -6.75 14.47 -9.18
C ARG A 236 -5.52 15.21 -9.73
N THR A 237 -5.40 16.51 -9.48
CA THR A 237 -4.23 17.25 -9.97
C THR A 237 -2.98 16.90 -9.17
N PHE A 238 -3.13 16.70 -7.86
CA PHE A 238 -2.02 16.23 -7.03
C PHE A 238 -1.49 14.90 -7.55
N LEU A 239 -2.41 14.01 -7.94
CA LEU A 239 -2.09 12.62 -8.26
C LEU A 239 -0.96 12.46 -9.25
N ASP A 240 -0.92 13.31 -10.29
CA ASP A 240 0.12 13.25 -11.33
C ASP A 240 0.86 14.58 -11.53
N GLY A 241 0.84 15.42 -10.49
CA GLY A 241 1.60 16.65 -10.49
C GLY A 241 1.13 17.67 -11.50
N SER A 242 -0.16 17.64 -11.82
CA SER A 242 -0.75 18.63 -12.71
C SER A 242 -1.01 19.94 -11.96
N THR A 243 -1.47 20.94 -12.69
CA THR A 243 -1.71 22.27 -12.13
C THR A 243 -3.21 22.53 -12.05
N ARG A 244 -3.66 23.00 -10.88
CA ARG A 244 -5.05 23.43 -10.70
C ARG A 244 -5.13 24.94 -10.84
N VAL A 245 -6.02 25.40 -11.72
CA VAL A 245 -6.28 26.83 -11.89
C VAL A 245 -7.69 27.16 -11.41
N PHE A 246 -7.84 28.26 -10.68
CA PHE A 246 -9.16 28.69 -10.23
C PHE A 246 -9.38 30.17 -10.51
N ALA A 247 -10.66 30.54 -10.58
CA ALA A 247 -11.09 31.91 -10.68
C ALA A 247 -12.42 32.03 -9.94
N ARG A 248 -12.67 33.22 -9.39
CA ARG A 248 -13.81 33.42 -8.52
C ARG A 248 -15.12 33.32 -9.27
N SER A 249 -15.18 33.93 -10.45
CA SER A 249 -16.39 34.02 -11.23
C SER A 249 -16.14 33.65 -12.67
N MET A 250 -17.11 32.98 -13.26
CA MET A 250 -17.01 32.60 -14.64
C MET A 250 -17.48 33.77 -15.50
N GLU A 251 -16.61 34.22 -16.39
CA GLU A 251 -16.95 35.15 -17.45
C GLU A 251 -16.36 34.63 -18.74
N GLY A 252 -17.11 34.73 -19.83
CA GLY A 252 -16.71 34.19 -21.12
C GLY A 252 -15.34 34.67 -21.58
N GLU A 253 -15.21 35.98 -21.68
CA GLU A 253 -13.99 36.62 -22.18
C GLU A 253 -12.77 36.26 -21.33
N LYS A 254 -12.91 36.44 -20.01
CA LYS A 254 -11.80 36.19 -19.09
C LYS A 254 -11.39 34.72 -19.10
N THR A 255 -12.35 33.82 -19.29
CA THR A 255 -12.04 32.40 -19.36
C THR A 255 -11.20 32.09 -20.60
N LEU A 256 -11.57 32.67 -21.74
CA LEU A 256 -10.76 32.47 -22.96
C LEU A 256 -9.37 33.07 -22.80
N GLN A 257 -9.28 34.24 -22.17
CA GLN A 257 -7.98 34.84 -21.86
C GLN A 257 -7.12 33.93 -20.99
N MET A 258 -7.72 33.31 -19.97
CA MET A 258 -6.98 32.41 -19.07
C MET A 258 -6.49 31.17 -19.82
N ILE A 259 -7.32 30.62 -20.71
CA ILE A 259 -6.90 29.48 -21.55
C ILE A 259 -5.68 29.83 -22.37
N GLU A 260 -5.68 31.02 -22.95
CA GLU A 260 -4.52 31.53 -23.67
C GLU A 260 -3.34 31.78 -22.73
N LYS A 261 -3.58 32.50 -21.64
CA LYS A 261 -2.51 32.97 -20.75
C LYS A 261 -1.77 31.84 -20.04
N TYR A 262 -2.49 30.83 -19.57
CA TYR A 262 -1.87 29.74 -18.82
C TYR A 262 -1.73 28.47 -19.65
N LYS A 263 -2.16 28.52 -20.91
CA LYS A 263 -2.13 27.35 -21.80
C LYS A 263 -2.87 26.18 -21.18
N LEU A 264 -4.11 26.45 -20.78
CA LEU A 264 -4.94 25.43 -20.14
C LEU A 264 -5.24 24.30 -21.10
N THR A 265 -5.27 23.09 -20.57
CA THR A 265 -5.65 21.91 -21.32
C THR A 265 -7.09 21.51 -21.03
N SER A 266 -7.64 21.98 -19.90
CA SER A 266 -8.96 21.56 -19.47
C SER A 266 -9.70 22.61 -18.67
N LEU A 267 -11.00 22.39 -18.55
CA LEU A 267 -11.85 23.24 -17.75
C LEU A 267 -13.07 22.44 -17.32
N PHE A 268 -13.43 22.52 -16.04
CA PHE A 268 -14.74 22.03 -15.61
C PHE A 268 -15.65 23.20 -15.31
N VAL A 269 -16.89 23.11 -15.80
CA VAL A 269 -17.94 24.09 -15.51
C VAL A 269 -19.31 23.51 -15.90
N ALA A 270 -20.34 23.89 -15.16
CA ALA A 270 -21.68 23.40 -15.44
C ALA A 270 -22.15 23.90 -16.81
N PRO A 271 -23.06 23.14 -17.46
CA PRO A 271 -23.49 23.47 -18.82
C PRO A 271 -23.93 24.91 -19.02
N ILE A 272 -24.71 25.43 -18.07
CA ILE A 272 -25.34 26.74 -18.24
C ILE A 272 -24.34 27.89 -18.43
N TYR A 273 -23.18 27.81 -17.76
CA TYR A 273 -22.13 28.81 -17.93
C TYR A 273 -21.40 28.72 -19.28
N THR A 274 -21.50 27.59 -19.99
CA THR A 274 -20.83 27.46 -21.30
C THR A 274 -21.40 28.40 -22.35
N TYR A 275 -22.65 28.84 -22.14
CA TYR A 275 -23.28 29.81 -23.03
C TYR A 275 -22.56 31.16 -23.01
N GLN A 276 -21.85 31.46 -21.92
CA GLN A 276 -21.00 32.64 -21.87
C GLN A 276 -19.76 32.50 -22.76
N LEU A 277 -19.29 31.27 -22.96
CA LEU A 277 -18.14 31.01 -23.83
C LEU A 277 -18.52 31.16 -25.31
N THR A 278 -19.62 30.54 -25.70
CA THR A 278 -20.07 30.55 -27.09
C THR A 278 -20.61 31.91 -27.55
N ASN A 279 -20.92 32.81 -26.63
CA ASN A 279 -21.34 34.15 -26.99
C ASN A 279 -20.21 35.19 -26.96
N VAL A 280 -18.97 34.74 -26.76
CA VAL A 280 -17.84 35.63 -26.90
C VAL A 280 -17.68 35.91 -28.39
N PRO A 281 -17.69 37.19 -28.78
CA PRO A 281 -17.54 37.50 -30.21
C PRO A 281 -16.09 37.33 -30.69
N ASN A 282 -15.93 36.92 -31.94
CA ASN A 282 -14.61 36.79 -32.56
C ASN A 282 -13.60 36.01 -31.72
N PRO A 283 -13.94 34.76 -31.34
CA PRO A 283 -13.08 33.92 -30.50
C PRO A 283 -11.71 33.60 -31.10
N GLU A 284 -11.57 33.78 -32.40
CA GLU A 284 -10.34 33.46 -33.13
C GLU A 284 -9.19 34.34 -32.69
N ARG A 285 -9.51 35.53 -32.16
CA ARG A 285 -8.48 36.43 -31.64
C ARG A 285 -7.79 35.90 -30.37
N TYR A 286 -8.31 34.81 -29.80
CA TYR A 286 -7.64 34.08 -28.73
C TYR A 286 -6.96 32.82 -29.26
N ASP A 287 -5.74 32.57 -28.79
CA ASP A 287 -5.03 31.33 -29.07
C ASP A 287 -5.52 30.29 -28.07
N LEU A 288 -6.37 29.39 -28.54
CA LEU A 288 -6.96 28.35 -27.71
C LEU A 288 -6.41 26.98 -28.04
N SER A 289 -5.27 26.92 -28.74
CA SER A 289 -4.76 25.64 -29.26
C SER A 289 -4.28 24.66 -28.18
N SER A 290 -4.02 25.15 -26.96
CA SER A 290 -3.62 24.29 -25.85
C SER A 290 -4.78 23.47 -25.28
N PHE A 291 -6.01 23.90 -25.55
CA PHE A 291 -7.18 23.34 -24.87
C PHE A 291 -7.59 22.00 -25.45
N ARG A 292 -7.74 20.99 -24.58
CA ARG A 292 -8.03 19.63 -25.01
C ARG A 292 -9.34 19.04 -24.48
N CYS A 293 -9.91 19.59 -23.41
CA CYS A 293 -11.00 18.91 -22.73
C CYS A 293 -11.92 19.86 -21.94
N LEU A 294 -13.18 19.97 -22.37
CA LEU A 294 -14.19 20.70 -21.63
C LEU A 294 -15.05 19.69 -20.85
N LEU A 295 -14.91 19.70 -19.53
CA LEU A 295 -15.60 18.77 -18.65
C LEU A 295 -16.87 19.41 -18.14
N THR A 296 -17.97 18.68 -18.19
CA THR A 296 -19.23 19.27 -17.78
C THR A 296 -20.20 18.19 -17.39
N GLY A 297 -21.33 18.61 -16.83
CA GLY A 297 -22.40 17.71 -16.43
C GLY A 297 -23.15 18.34 -15.29
N GLY A 298 -24.20 17.67 -14.82
CA GLY A 298 -24.96 18.13 -13.66
C GLY A 298 -26.34 18.62 -14.01
N THR A 299 -26.46 19.23 -15.19
CA THR A 299 -27.75 19.53 -15.78
C THR A 299 -27.60 19.15 -17.26
N PRO A 300 -28.71 19.05 -18.01
CA PRO A 300 -28.60 18.58 -19.40
C PRO A 300 -28.01 19.62 -20.36
N MET A 301 -27.30 19.15 -21.39
CA MET A 301 -26.77 20.02 -22.43
C MET A 301 -27.40 19.72 -23.78
N SER A 302 -27.88 20.77 -24.44
CA SER A 302 -28.48 20.65 -25.77
C SER A 302 -27.43 20.30 -26.81
N THR A 303 -27.86 19.57 -27.83
CA THR A 303 -26.98 19.16 -28.93
C THR A 303 -26.39 20.33 -29.71
N ASP A 304 -27.18 21.38 -29.91
CA ASP A 304 -26.66 22.58 -30.59
C ASP A 304 -25.57 23.26 -29.77
N GLN A 305 -25.75 23.34 -28.46
CA GLN A 305 -24.73 23.94 -27.61
C GLN A 305 -23.49 23.08 -27.58
N TYR A 306 -23.69 21.77 -27.48
CA TYR A 306 -22.60 20.80 -27.53
C TYR A 306 -21.78 21.01 -28.80
N LYS A 307 -22.46 21.07 -29.95
CA LYS A 307 -21.79 21.30 -31.23
C LYS A 307 -21.05 22.63 -31.26
N LYS A 308 -21.72 23.70 -30.82
CA LYS A 308 -21.09 25.03 -30.80
C LYS A 308 -19.81 25.01 -29.99
N LEU A 309 -19.80 24.26 -28.88
CA LEU A 309 -18.61 24.16 -28.05
C LEU A 309 -17.45 23.44 -28.76
N THR A 310 -17.75 22.40 -29.53
CA THR A 310 -16.69 21.69 -30.27
C THR A 310 -16.12 22.58 -31.37
N GLN A 311 -16.96 23.46 -31.93
CA GLN A 311 -16.49 24.43 -32.92
C GLN A 311 -15.62 25.50 -32.28
N LEU A 312 -16.01 25.97 -31.10
CA LEU A 312 -15.23 26.96 -30.38
C LEU A 312 -13.84 26.42 -30.02
N PHE A 313 -13.80 25.14 -29.64
CA PHE A 313 -12.57 24.47 -29.24
C PHE A 313 -12.31 23.29 -30.18
N PRO A 314 -11.76 23.57 -31.38
CA PRO A 314 -11.61 22.52 -32.40
C PRO A 314 -10.60 21.42 -32.05
N LYS A 315 -9.57 21.73 -31.25
CA LYS A 315 -8.61 20.72 -30.80
C LYS A 315 -9.05 19.97 -29.53
N ALA A 316 -10.20 20.32 -28.98
CA ALA A 316 -10.69 19.70 -27.74
C ALA A 316 -11.81 18.71 -27.97
N GLN A 317 -12.06 17.88 -26.97
CA GLN A 317 -13.30 17.12 -26.86
C GLN A 317 -14.15 17.72 -25.74
N VAL A 318 -15.47 17.64 -25.88
CA VAL A 318 -16.39 17.99 -24.82
C VAL A 318 -16.86 16.72 -24.13
N LEU A 319 -16.63 16.61 -22.83
CA LEU A 319 -16.97 15.40 -22.08
C LEU A 319 -18.04 15.70 -21.04
N PHE A 320 -19.27 15.24 -21.33
CA PHE A 320 -20.39 15.39 -20.42
C PHE A 320 -20.46 14.16 -19.55
N GLY A 321 -20.27 14.33 -18.25
CA GLY A 321 -20.28 13.22 -17.30
C GLY A 321 -21.42 13.26 -16.29
N TYR A 322 -21.47 12.21 -15.46
CA TYR A 322 -22.51 12.03 -14.45
C TYR A 322 -21.88 11.50 -13.17
N GLY A 323 -22.18 12.14 -12.05
CA GLY A 323 -21.66 11.67 -10.77
C GLY A 323 -22.36 12.33 -9.61
N MET A 324 -21.96 11.93 -8.40
CA MET A 324 -22.53 12.50 -7.22
C MET A 324 -21.53 12.44 -6.07
N SER A 325 -21.86 13.15 -4.99
CA SER A 325 -20.98 13.25 -3.84
C SER A 325 -20.75 11.93 -3.18
N GLU A 326 -21.76 11.06 -3.27
CA GLU A 326 -21.74 9.76 -2.60
C GLU A 326 -20.74 8.76 -3.18
N ILE A 327 -20.22 9.02 -4.37
CA ILE A 327 -19.41 8.01 -5.10
C ILE A 327 -18.48 8.58 -6.18
N GLY A 328 -18.55 9.88 -6.47
CA GLY A 328 -17.72 10.47 -7.51
C GLY A 328 -18.30 10.21 -8.90
N LEU A 329 -17.41 10.07 -9.87
CA LEU A 329 -17.78 9.96 -11.28
C LEU A 329 -18.32 8.57 -11.60
N LEU A 330 -19.51 8.53 -12.21
CA LEU A 330 -20.22 7.28 -12.49
C LEU A 330 -20.25 6.91 -13.96
N SER A 331 -20.43 7.89 -14.83
CA SER A 331 -20.34 7.66 -16.26
C SER A 331 -19.74 8.85 -16.97
N ILE A 332 -18.98 8.53 -18.02
CA ILE A 332 -18.29 9.53 -18.85
C ILE A 332 -17.66 8.78 -20.04
N PHE A 333 -17.48 9.47 -21.17
CA PHE A 333 -16.78 8.85 -22.30
C PHE A 333 -15.27 8.95 -22.13
N HIS A 334 -14.57 7.84 -22.40
CA HIS A 334 -13.12 7.84 -22.45
C HIS A 334 -12.66 8.62 -23.71
N PRO A 335 -11.70 9.56 -23.54
CA PRO A 335 -11.30 10.43 -24.66
C PRO A 335 -10.86 9.68 -25.93
N GLU A 336 -9.97 8.70 -25.77
CA GLU A 336 -9.49 7.91 -26.91
C GLU A 336 -10.37 6.71 -27.27
N ASP A 337 -10.57 5.79 -26.32
CA ASP A 337 -11.38 4.57 -26.54
C ASP A 337 -12.81 4.84 -27.06
N ASP A 338 -13.42 5.94 -26.62
CA ASP A 338 -14.79 6.29 -27.04
C ASP A 338 -14.85 7.47 -28.02
N LYS A 339 -13.73 7.80 -28.66
CA LYS A 339 -13.62 9.02 -29.50
C LYS A 339 -14.70 9.06 -30.60
N HIS A 340 -14.94 7.90 -31.20
CA HIS A 340 -15.99 7.72 -32.20
C HIS A 340 -17.38 8.07 -31.66
N LEU A 341 -17.72 7.55 -30.49
CA LEU A 341 -19.05 7.76 -29.89
C LEU A 341 -19.26 9.20 -29.41
N ILE A 342 -18.17 9.88 -29.07
CA ILE A 342 -18.22 11.26 -28.60
C ILE A 342 -18.80 12.21 -29.67
N ASP A 343 -18.71 11.83 -30.95
CA ASP A 343 -19.27 12.61 -32.05
C ASP A 343 -20.57 12.01 -32.61
N THR A 344 -21.23 11.15 -31.84
CA THR A 344 -22.38 10.38 -32.34
C THR A 344 -23.53 10.34 -31.35
N LYS A 345 -23.25 9.86 -30.14
CA LYS A 345 -24.29 9.46 -29.18
C LYS A 345 -24.59 10.56 -28.14
N VAL A 346 -25.09 11.69 -28.61
CA VAL A 346 -25.59 12.75 -27.73
C VAL A 346 -27.08 12.44 -27.54
N GLY A 347 -27.71 12.80 -26.40
CA GLY A 347 -27.06 13.35 -25.22
C GLY A 347 -27.09 12.34 -24.09
N SER A 348 -26.10 11.47 -24.08
CA SER A 348 -25.93 10.48 -23.02
C SER A 348 -24.95 11.03 -21.99
N CYS A 349 -24.85 10.34 -20.86
CA CYS A 349 -23.87 10.66 -19.81
C CYS A 349 -22.54 9.91 -19.99
N GLY A 350 -22.39 9.23 -21.14
CA GLY A 350 -21.20 8.46 -21.43
C GLY A 350 -21.39 7.01 -21.03
N LYS A 351 -20.28 6.31 -20.84
CA LYS A 351 -20.27 4.93 -20.39
C LYS A 351 -19.73 4.84 -18.98
N VAL A 352 -20.05 3.75 -18.29
CA VAL A 352 -19.69 3.53 -16.89
C VAL A 352 -18.19 3.70 -16.66
N SER A 353 -17.83 4.32 -15.53
CA SER A 353 -16.44 4.61 -15.21
C SER A 353 -15.68 3.33 -14.80
N PRO A 354 -14.33 3.37 -14.84
CA PRO A 354 -13.56 2.17 -14.50
C PRO A 354 -13.87 1.63 -13.11
N ARG A 355 -13.81 0.30 -12.98
CA ARG A 355 -14.01 -0.39 -11.72
C ARG A 355 -15.32 -0.03 -11.02
N THR A 356 -16.34 0.28 -11.82
CA THR A 356 -17.66 0.64 -11.34
C THR A 356 -18.71 -0.30 -11.94
N LEU A 357 -19.70 -0.68 -11.14
CA LEU A 357 -20.87 -1.41 -11.63
C LEU A 357 -22.09 -0.50 -11.66
N LEU A 358 -22.89 -0.59 -12.73
CA LEU A 358 -24.13 0.18 -12.84
C LEU A 358 -25.26 -0.70 -13.35
N LYS A 359 -26.40 -0.64 -12.65
CA LYS A 359 -27.58 -1.39 -13.05
C LYS A 359 -28.81 -0.49 -13.03
N ILE A 360 -29.79 -0.87 -13.86
CA ILE A 360 -31.11 -0.22 -13.89
C ILE A 360 -32.10 -1.21 -13.30
N VAL A 361 -32.83 -0.80 -12.27
CA VAL A 361 -33.77 -1.69 -11.57
C VAL A 361 -35.20 -1.19 -11.68
N ASN A 362 -36.09 -2.10 -12.08
CA ASN A 362 -37.52 -1.87 -12.02
C ASN A 362 -37.97 -1.93 -10.56
N PRO A 363 -38.47 -0.82 -10.00
CA PRO A 363 -38.78 -0.78 -8.56
C PRO A 363 -39.79 -1.85 -8.10
N ASP A 364 -41.04 -1.77 -8.57
CA ASP A 364 -41.97 -2.89 -8.37
C ASP A 364 -41.38 -4.10 -9.07
N ASN A 365 -41.39 -5.25 -8.39
CA ASN A 365 -40.64 -6.47 -8.79
C ASN A 365 -39.15 -6.43 -8.43
N GLU A 366 -38.53 -5.26 -8.43
CA GLU A 366 -37.13 -5.09 -8.00
C GLU A 366 -36.20 -6.06 -8.75
N GLU A 367 -36.07 -5.84 -10.05
CA GLU A 367 -35.29 -6.72 -10.90
C GLU A 367 -34.55 -5.90 -11.95
N ILE A 368 -33.34 -6.34 -12.34
CA ILE A 368 -32.54 -5.54 -13.28
C ILE A 368 -33.07 -5.71 -14.71
N VAL A 369 -33.01 -4.64 -15.49
CA VAL A 369 -33.63 -4.63 -16.81
C VAL A 369 -32.60 -4.46 -17.92
N GLY A 370 -33.04 -4.73 -19.14
CA GLY A 370 -32.20 -4.62 -20.32
C GLY A 370 -32.13 -3.20 -20.85
N PRO A 371 -31.50 -3.04 -22.02
CA PRO A 371 -31.36 -1.70 -22.61
C PRO A 371 -32.70 -1.15 -23.09
N ASN A 372 -32.83 0.17 -23.12
CA ASN A 372 -34.07 0.85 -23.49
C ASN A 372 -35.26 0.49 -22.61
N GLN A 373 -34.98 0.28 -21.33
CA GLN A 373 -36.00 0.05 -20.31
C GLN A 373 -35.64 0.94 -19.12
N LYS A 374 -36.47 1.96 -18.89
CA LYS A 374 -36.21 2.93 -17.83
C LYS A 374 -36.46 2.33 -16.45
N GLY A 375 -35.65 2.72 -15.49
CA GLY A 375 -35.76 2.27 -14.10
C GLY A 375 -34.85 3.10 -13.22
N GLU A 376 -34.61 2.64 -12.00
CA GLU A 376 -33.79 3.37 -11.03
C GLU A 376 -32.31 3.01 -11.24
N LEU A 377 -31.47 4.01 -11.42
CA LEU A 377 -30.02 3.77 -11.51
C LEU A 377 -29.44 3.41 -10.15
N ARG A 378 -28.75 2.26 -10.12
CA ARG A 378 -28.06 1.84 -8.93
C ARG A 378 -26.62 1.47 -9.27
N VAL A 379 -25.71 1.80 -8.37
CA VAL A 379 -24.28 1.75 -8.66
C VAL A 379 -23.49 1.18 -7.48
N LYS A 380 -22.30 0.62 -7.77
CA LYS A 380 -21.47 -0.01 -6.75
C LYS A 380 -20.00 0.03 -7.14
N SER A 381 -19.16 0.46 -6.20
CA SER A 381 -17.73 0.54 -6.39
C SER A 381 -17.04 0.81 -5.06
N ASP A 382 -15.70 0.74 -5.09
CA ASP A 382 -14.89 1.01 -3.91
C ASP A 382 -14.80 2.50 -3.60
N ALA A 383 -15.38 3.35 -4.46
CA ALA A 383 -15.42 4.81 -4.25
C ALA A 383 -16.66 5.24 -3.46
N MET A 384 -17.48 4.29 -3.06
CA MET A 384 -18.73 4.55 -2.38
C MET A 384 -18.48 5.08 -0.96
N MET A 385 -19.32 6.02 -0.53
CA MET A 385 -19.34 6.50 0.86
C MET A 385 -19.49 5.35 1.84
N THR A 386 -18.89 5.51 3.01
CA THR A 386 -18.99 4.51 4.07
C THR A 386 -20.29 4.62 4.86
N GLY A 387 -20.93 5.79 4.84
CA GLY A 387 -22.16 6.00 5.62
C GLY A 387 -22.31 7.46 5.98
N TYR A 388 -23.24 7.76 6.88
CA TYR A 388 -23.40 9.13 7.37
C TYR A 388 -22.68 9.29 8.72
N TYR A 389 -22.26 10.50 9.04
CA TYR A 389 -21.45 10.77 10.23
C TYR A 389 -22.19 10.40 11.52
N ARG A 390 -23.42 10.91 11.68
CA ARG A 390 -24.22 10.52 12.84
C ARG A 390 -25.61 9.99 12.52
N ASN A 391 -26.01 10.03 11.25
CA ASN A 391 -27.31 9.55 10.86
C ASN A 391 -27.21 8.15 10.21
N ASP A 392 -28.29 7.69 9.59
CA ASP A 392 -28.41 6.29 9.18
C ASP A 392 -28.66 6.17 7.67
N SER A 393 -27.61 5.79 6.94
CA SER A 393 -27.66 5.66 5.49
C SER A 393 -28.09 4.26 5.02
N ALA A 394 -28.65 3.44 5.91
CA ALA A 394 -29.00 2.04 5.56
C ALA A 394 -29.83 1.93 4.29
N GLU A 395 -30.83 2.80 4.15
CA GLU A 395 -31.77 2.73 3.04
C GLU A 395 -31.23 3.33 1.74
N CYS A 396 -30.07 3.99 1.81
CA CYS A 396 -29.33 4.41 0.61
C CYS A 396 -28.78 3.23 -0.22
N PHE A 397 -28.70 2.04 0.37
CA PHE A 397 -28.13 0.88 -0.31
C PHE A 397 -29.14 -0.25 -0.40
N ASP A 398 -29.15 -0.95 -1.55
CA ASP A 398 -30.13 -2.02 -1.76
C ASP A 398 -29.58 -3.35 -1.25
N GLY A 399 -30.32 -4.43 -1.47
CA GLY A 399 -29.96 -5.74 -0.93
C GLY A 399 -28.61 -6.28 -1.36
N ASP A 400 -28.13 -5.86 -2.52
CA ASP A 400 -26.82 -6.28 -3.04
C ASP A 400 -25.72 -5.25 -2.77
N GLY A 401 -25.97 -4.29 -1.88
CA GLY A 401 -24.98 -3.27 -1.52
C GLY A 401 -24.75 -2.19 -2.57
N PHE A 402 -25.71 -2.02 -3.50
CA PHE A 402 -25.59 -0.99 -4.53
C PHE A 402 -26.18 0.31 -4.00
N LEU A 403 -25.53 1.42 -4.28
CA LEU A 403 -26.05 2.75 -3.94
C LEU A 403 -27.22 3.09 -4.85
N LYS A 404 -28.34 3.49 -4.25
CA LYS A 404 -29.49 3.98 -5.01
C LYS A 404 -29.22 5.44 -5.35
N THR A 405 -29.11 5.77 -6.63
CA THR A 405 -28.74 7.13 -7.04
C THR A 405 -29.89 8.12 -6.88
N GLY A 406 -31.11 7.61 -6.77
CA GLY A 406 -32.29 8.46 -6.75
C GLY A 406 -32.65 8.99 -8.13
N ASP A 407 -32.00 8.50 -9.17
CA ASP A 407 -32.25 8.94 -10.53
C ASP A 407 -32.92 7.83 -11.32
N ILE A 408 -33.78 8.24 -12.25
CA ILE A 408 -34.44 7.34 -13.20
C ILE A 408 -33.73 7.51 -14.53
N GLY A 409 -33.40 6.38 -15.16
CA GLY A 409 -32.77 6.37 -16.50
C GLY A 409 -32.77 5.01 -17.18
N TYR A 410 -31.93 4.87 -18.20
CA TYR A 410 -31.80 3.64 -18.97
C TYR A 410 -30.45 3.67 -19.70
N TYR A 411 -30.05 2.54 -20.29
CA TYR A 411 -28.83 2.48 -21.12
C TYR A 411 -29.09 1.90 -22.52
N ASP A 412 -28.13 2.14 -23.41
CA ASP A 412 -28.16 1.67 -24.80
C ASP A 412 -27.79 0.21 -24.97
N ASP A 413 -27.97 -0.28 -26.20
CA ASP A 413 -27.35 -1.55 -26.63
C ASP A 413 -25.83 -1.46 -26.57
N ASP A 414 -25.28 -0.27 -26.84
CA ASP A 414 -23.84 0.01 -26.68
C ASP A 414 -23.43 0.45 -25.26
N GLY A 415 -24.33 0.34 -24.29
CA GLY A 415 -24.00 0.63 -22.90
C GLY A 415 -23.88 2.12 -22.53
N CYS A 416 -24.26 3.02 -23.44
CA CYS A 416 -24.34 4.44 -23.13
C CYS A 416 -25.48 4.72 -22.14
N VAL A 417 -25.20 5.55 -21.13
CA VAL A 417 -26.13 5.80 -20.04
C VAL A 417 -26.92 7.11 -20.27
N TYR A 418 -28.20 7.09 -19.89
CA TYR A 418 -29.08 8.27 -20.00
C TYR A 418 -29.84 8.44 -18.69
N VAL A 419 -29.70 9.62 -18.08
CA VAL A 419 -30.43 9.96 -16.87
C VAL A 419 -31.55 10.89 -17.27
N ILE A 420 -32.77 10.59 -16.82
CA ILE A 420 -33.92 11.37 -17.27
C ILE A 420 -34.61 12.18 -16.17
N GLU A 421 -34.69 11.67 -14.95
CA GLU A 421 -35.34 12.40 -13.86
C GLU A 421 -34.98 11.85 -12.49
N ARG A 422 -35.31 12.62 -11.46
CA ARG A 422 -35.11 12.20 -10.08
C ARG A 422 -36.41 11.62 -9.52
N ILE A 423 -36.27 10.62 -8.66
CA ILE A 423 -37.39 10.06 -7.94
C ILE A 423 -37.86 11.08 -6.89
N LYS A 424 -39.15 11.38 -6.87
CA LYS A 424 -39.70 12.36 -5.94
C LYS A 424 -39.73 11.86 -4.48
N GLU A 425 -39.55 12.80 -3.56
CA GLU A 425 -39.58 12.54 -2.11
C GLU A 425 -38.74 11.32 -1.65
N MET A 426 -37.49 11.25 -2.09
CA MET A 426 -36.54 10.24 -1.64
C MET A 426 -35.51 10.89 -0.70
N PHE A 427 -35.39 10.36 0.52
CA PHE A 427 -34.55 10.97 1.56
C PHE A 427 -33.05 10.85 1.28
N ALA B 3 16.82 -7.02 36.53
CA ALA B 3 16.65 -5.55 36.68
C ALA B 3 16.00 -4.90 35.46
N ARG B 4 16.27 -5.42 34.26
CA ARG B 4 15.82 -4.76 33.03
C ARG B 4 15.49 -5.75 31.92
N ILE B 5 14.33 -5.55 31.31
CA ILE B 5 13.95 -6.25 30.09
C ILE B 5 14.49 -5.39 28.95
N LEU B 6 15.35 -5.96 28.10
CA LEU B 6 15.86 -5.22 26.97
C LEU B 6 14.77 -5.09 25.91
N LYS B 7 14.72 -3.93 25.27
CA LYS B 7 13.66 -3.60 24.33
C LYS B 7 14.26 -2.98 23.07
N GLY B 8 14.00 -3.61 21.93
CA GLY B 8 14.44 -3.10 20.64
C GLY B 8 13.72 -1.82 20.26
N LYS B 9 14.20 -1.16 19.21
CA LYS B 9 13.59 0.08 18.80
C LYS B 9 12.26 -0.19 18.09
N GLU B 10 11.36 0.77 18.20
CA GLU B 10 10.06 0.66 17.58
C GLU B 10 10.14 0.84 16.07
N PHE B 11 9.20 0.23 15.38
CA PHE B 11 8.84 0.64 14.02
C PHE B 11 7.33 0.48 13.87
N HIS B 12 6.76 1.10 12.85
CA HIS B 12 5.34 0.92 12.52
C HIS B 12 5.23 -0.20 11.50
N PRO B 13 4.65 -1.34 11.90
CA PRO B 13 4.55 -2.44 10.93
C PRO B 13 3.62 -2.12 9.75
N ASN B 14 4.11 -2.37 8.55
CA ASN B 14 3.31 -2.20 7.34
C ASN B 14 2.80 -3.52 6.76
N PHE B 15 3.35 -4.65 7.22
CA PHE B 15 3.01 -5.95 6.65
C PHE B 15 2.39 -6.87 7.69
N ASP B 16 1.44 -6.32 8.44
CA ASP B 16 0.76 -7.04 9.52
C ASP B 16 -0.73 -7.30 9.25
N LYS B 17 -1.22 -6.95 8.08
CA LYS B 17 -2.66 -7.12 7.75
C LYS B 17 -2.89 -7.97 6.50
N ILE B 18 -1.88 -8.69 6.05
CA ILE B 18 -1.98 -9.42 4.78
C ILE B 18 -1.44 -10.83 4.88
N SER B 19 -1.84 -11.66 3.91
CA SER B 19 -1.27 -13.00 3.77
C SER B 19 0.12 -12.91 3.14
N PHE B 20 0.92 -13.95 3.38
CA PHE B 20 2.24 -14.09 2.77
C PHE B 20 2.11 -14.13 1.25
N GLY B 21 1.12 -14.86 0.77
CA GLY B 21 0.80 -14.87 -0.66
C GLY B 21 0.49 -13.49 -1.21
N GLU B 22 -0.34 -12.74 -0.49
CA GLU B 22 -0.69 -11.36 -0.88
C GLU B 22 0.58 -10.50 -0.92
N PHE B 23 1.38 -10.59 0.13
CA PHE B 23 2.67 -9.90 0.21
C PHE B 23 3.56 -10.14 -1.02
N LEU B 24 3.77 -11.40 -1.38
CA LEU B 24 4.65 -11.74 -2.50
C LEU B 24 4.09 -11.20 -3.82
N PHE B 25 2.78 -11.37 -4.01
CA PHE B 25 2.09 -10.92 -5.21
C PHE B 25 2.28 -9.41 -5.38
N GLU B 26 2.04 -8.68 -4.30
CA GLU B 26 2.18 -7.23 -4.29
C GLU B 26 3.63 -6.79 -4.56
N CYS B 27 4.60 -7.49 -3.98
CA CYS B 27 6.02 -7.17 -4.20
C CYS B 27 6.38 -7.34 -5.68
N CYS B 28 5.92 -8.42 -6.30
CA CYS B 28 6.15 -8.61 -7.73
C CYS B 28 5.61 -7.44 -8.56
N GLU B 29 4.40 -6.98 -8.24
CA GLU B 29 3.78 -5.86 -8.96
C GLU B 29 4.61 -4.60 -8.81
N LYS B 30 4.97 -4.30 -7.58
CA LYS B 30 5.65 -3.07 -7.23
C LYS B 30 7.05 -2.99 -7.84
N TYR B 31 7.73 -4.13 -7.94
CA TYR B 31 9.12 -4.15 -8.38
C TYR B 31 9.32 -4.96 -9.66
N ALA B 32 8.29 -4.97 -10.50
CA ALA B 32 8.21 -5.84 -11.69
C ALA B 32 9.47 -5.90 -12.53
N ASP B 33 10.08 -4.76 -12.81
CA ASP B 33 11.20 -4.69 -13.76
C ASP B 33 12.55 -5.02 -13.12
N ARG B 34 12.62 -5.11 -11.80
CA ARG B 34 13.88 -5.42 -11.12
C ARG B 34 14.20 -6.92 -11.18
N ILE B 35 15.46 -7.26 -10.93
CA ILE B 35 15.88 -8.65 -10.87
C ILE B 35 15.49 -9.22 -9.52
N CYS B 36 14.70 -10.30 -9.53
CA CYS B 36 14.27 -10.98 -8.31
C CYS B 36 15.33 -11.96 -7.82
N GLN B 37 15.82 -12.80 -8.71
CA GLN B 37 16.74 -13.86 -8.34
C GLN B 37 17.82 -14.08 -9.39
N ILE B 38 19.00 -14.48 -8.93
CA ILE B 38 20.09 -14.86 -9.82
C ILE B 38 20.67 -16.21 -9.39
N ASP B 39 20.79 -17.12 -10.35
CA ASP B 39 21.55 -18.35 -10.15
C ASP B 39 23.01 -18.06 -10.49
N GLY B 40 23.82 -17.91 -9.45
CA GLY B 40 25.24 -17.59 -9.60
C GLY B 40 26.07 -18.68 -10.24
N ASP B 41 25.62 -19.92 -10.18
CA ASP B 41 26.30 -21.03 -10.87
C ASP B 41 26.04 -20.98 -12.37
N LEU B 42 24.79 -20.81 -12.77
CA LEU B 42 24.42 -20.79 -14.18
C LEU B 42 24.53 -19.39 -14.80
N ASP B 43 24.73 -18.37 -13.97
CA ASP B 43 24.72 -16.98 -14.43
C ASP B 43 23.44 -16.69 -15.21
N LYS B 44 22.30 -16.93 -14.57
CA LYS B 44 20.99 -16.66 -15.16
C LYS B 44 20.11 -15.96 -14.14
N SER B 45 19.31 -15.00 -14.61
CA SER B 45 18.50 -14.18 -13.73
C SER B 45 17.04 -14.19 -14.15
N GLU B 46 16.17 -13.73 -13.26
CA GLU B 46 14.75 -13.60 -13.56
C GLU B 46 14.19 -12.36 -12.87
N THR B 47 13.29 -11.68 -13.57
CA THR B 47 12.67 -10.48 -13.04
C THR B 47 11.47 -10.82 -12.16
N TYR B 48 11.06 -9.86 -11.33
CA TYR B 48 9.88 -10.02 -10.51
C TYR B 48 8.63 -10.20 -11.39
N SER B 49 8.59 -9.52 -12.53
CA SER B 49 7.49 -9.69 -13.48
C SER B 49 7.38 -11.13 -13.97
N SER B 50 8.52 -11.68 -14.42
CA SER B 50 8.54 -13.05 -14.90
C SER B 50 8.20 -14.05 -13.78
N VAL B 51 8.60 -13.74 -12.56
CA VAL B 51 8.27 -14.60 -11.42
C VAL B 51 6.76 -14.56 -11.14
N LYS B 52 6.17 -13.38 -11.28
CA LYS B 52 4.72 -13.23 -11.15
C LYS B 52 4.00 -14.09 -12.18
N THR B 53 4.46 -14.01 -13.43
CA THR B 53 3.81 -14.73 -14.53
C THR B 53 3.82 -16.23 -14.28
N ARG B 54 5.00 -16.77 -14.03
CA ARG B 54 5.15 -18.22 -13.85
C ARG B 54 4.43 -18.71 -12.60
N SER B 55 4.60 -17.99 -11.49
CA SER B 55 3.97 -18.41 -10.22
C SER B 55 2.45 -18.35 -10.30
N THR B 56 1.92 -17.35 -11.01
CA THR B 56 0.48 -17.25 -11.24
C THR B 56 -0.03 -18.47 -12.03
N ARG B 57 0.70 -18.87 -13.08
CA ARG B 57 0.30 -20.04 -13.85
C ARG B 57 0.33 -21.31 -13.02
N VAL B 58 1.39 -21.49 -12.22
CA VAL B 58 1.47 -22.64 -11.33
C VAL B 58 0.31 -22.64 -10.33
N ALA B 59 -0.03 -21.48 -9.79
CA ALA B 59 -1.15 -21.35 -8.85
C ALA B 59 -2.46 -21.82 -9.48
N LEU B 60 -2.74 -21.33 -10.68
CA LEU B 60 -3.93 -21.72 -11.42
C LEU B 60 -4.02 -23.23 -11.63
N ASN B 61 -2.89 -23.84 -11.99
CA ASN B 61 -2.86 -25.29 -12.16
C ASN B 61 -3.01 -26.04 -10.83
N LEU B 62 -2.39 -25.54 -9.76
CA LEU B 62 -2.61 -26.09 -8.42
C LEU B 62 -4.08 -25.99 -8.03
N GLN B 63 -4.67 -24.84 -8.34
CA GLN B 63 -6.08 -24.61 -8.06
C GLN B 63 -6.98 -25.65 -8.73
N LYS B 64 -6.63 -26.05 -9.95
CA LYS B 64 -7.32 -27.14 -10.66
C LYS B 64 -7.22 -28.50 -9.97
N LYS B 65 -6.14 -28.73 -9.21
CA LYS B 65 -6.01 -29.95 -8.41
C LYS B 65 -6.77 -29.88 -7.10
N GLY B 66 -7.45 -28.78 -6.84
CA GLY B 66 -8.21 -28.62 -5.61
C GLY B 66 -7.37 -28.24 -4.41
N ILE B 67 -6.19 -27.66 -4.64
CA ILE B 67 -5.36 -27.20 -3.53
C ILE B 67 -6.05 -26.03 -2.85
N THR B 68 -6.23 -26.12 -1.54
CA THR B 68 -6.83 -25.04 -0.76
C THR B 68 -5.84 -24.62 0.31
N SER B 69 -6.25 -23.63 1.11
CA SER B 69 -5.43 -23.08 2.16
C SER B 69 -5.18 -24.06 3.30
N THR B 70 -5.99 -25.11 3.41
CA THR B 70 -5.80 -26.10 4.48
C THR B 70 -4.71 -27.11 4.14
N ASP B 71 -4.29 -27.17 2.88
CA ASP B 71 -3.29 -28.16 2.45
C ASP B 71 -1.86 -27.71 2.75
N VAL B 72 -1.00 -28.69 2.98
CA VAL B 72 0.43 -28.48 3.09
C VAL B 72 1.10 -28.83 1.77
N VAL B 73 1.86 -27.89 1.22
CA VAL B 73 2.66 -28.17 0.05
C VAL B 73 4.13 -28.22 0.45
N CYS B 74 4.78 -29.34 0.12
CA CYS B 74 6.12 -29.59 0.59
C CYS B 74 7.11 -29.48 -0.58
N PHE B 75 8.36 -29.25 -0.25
CA PHE B 75 9.42 -29.08 -1.23
C PHE B 75 10.67 -29.82 -0.77
N CYS B 76 11.31 -30.51 -1.70
CA CYS B 76 12.62 -31.10 -1.46
C CYS B 76 13.50 -30.81 -2.65
N SER B 77 14.25 -29.74 -2.57
CA SER B 77 15.07 -29.28 -3.69
C SER B 77 16.16 -28.34 -3.22
N THR B 78 17.32 -28.43 -3.86
CA THR B 78 18.34 -27.40 -3.73
C THR B 78 17.81 -26.16 -4.47
N ASN B 79 18.49 -25.03 -4.28
CA ASN B 79 18.06 -23.78 -4.88
C ASN B 79 18.32 -23.75 -6.38
N SER B 80 17.30 -23.32 -7.12
CA SER B 80 17.38 -23.10 -8.55
C SER B 80 16.55 -21.86 -8.86
N LEU B 81 16.42 -21.52 -10.14
CA LEU B 81 15.47 -20.47 -10.54
C LEU B 81 14.01 -20.94 -10.47
N ASP B 82 13.79 -22.23 -10.21
CA ASP B 82 12.44 -22.79 -10.17
C ASP B 82 11.94 -23.19 -8.79
N ASN B 83 12.82 -23.51 -7.84
CA ASN B 83 12.39 -24.16 -6.60
C ASN B 83 11.41 -23.33 -5.75
N SER B 84 11.56 -22.01 -5.77
CA SER B 84 10.64 -21.14 -5.04
C SER B 84 9.33 -20.84 -5.80
N ILE B 85 9.24 -21.20 -7.08
CA ILE B 85 8.09 -20.80 -7.91
C ILE B 85 6.78 -21.44 -7.45
N PRO B 86 6.80 -22.75 -7.13
CA PRO B 86 5.58 -23.34 -6.61
C PRO B 86 5.31 -23.00 -5.15
N LEU B 87 6.34 -22.57 -4.43
CA LEU B 87 6.16 -22.13 -3.05
C LEU B 87 5.40 -20.82 -3.04
N ILE B 88 5.80 -19.93 -3.93
CA ILE B 88 5.12 -18.67 -4.13
C ILE B 88 3.70 -18.92 -4.60
N ALA B 89 3.54 -19.83 -5.56
CA ALA B 89 2.22 -20.15 -6.10
C ALA B 89 1.29 -20.70 -5.01
N SER B 90 1.82 -21.60 -4.21
CA SER B 90 1.06 -22.24 -3.14
C SER B 90 0.67 -21.21 -2.08
N SER B 91 1.57 -20.27 -1.81
CA SER B 91 1.26 -19.18 -0.88
C SER B 91 0.12 -18.30 -1.40
N TYR B 92 0.13 -17.98 -2.70
CA TYR B 92 -0.99 -17.21 -3.30
C TYR B 92 -2.33 -17.82 -2.92
N LEU B 93 -2.37 -19.14 -2.80
CA LEU B 93 -3.59 -19.87 -2.47
C LEU B 93 -3.85 -20.03 -0.97
N GLY B 94 -2.97 -19.49 -0.12
CA GLY B 94 -3.11 -19.61 1.33
C GLY B 94 -2.63 -20.93 1.90
N ALA B 95 -2.05 -21.77 1.06
CA ALA B 95 -1.58 -23.08 1.49
C ALA B 95 -0.35 -22.93 2.40
N LYS B 96 -0.14 -23.93 3.24
CA LYS B 96 1.01 -23.98 4.14
C LYS B 96 2.20 -24.52 3.34
N VAL B 97 3.34 -23.82 3.40
CA VAL B 97 4.53 -24.28 2.68
C VAL B 97 5.62 -24.72 3.67
N VAL B 98 6.36 -25.74 3.24
CA VAL B 98 7.43 -26.30 4.08
C VAL B 98 8.48 -26.97 3.20
N ASN B 99 9.73 -26.87 3.60
CA ASN B 99 10.85 -27.39 2.84
C ASN B 99 11.60 -28.46 3.63
N LEU B 100 11.93 -29.54 2.95
CA LEU B 100 12.81 -30.58 3.52
C LEU B 100 14.27 -30.32 3.12
N ASP B 101 15.18 -30.95 3.83
CA ASP B 101 16.62 -30.89 3.55
C ASP B 101 16.98 -32.11 2.72
N PRO B 102 17.33 -31.92 1.44
CA PRO B 102 17.67 -33.09 0.60
C PRO B 102 18.91 -33.88 1.07
N THR B 103 19.69 -33.37 2.01
CA THR B 103 20.85 -34.10 2.50
C THR B 103 20.49 -35.10 3.60
N LEU B 104 19.23 -35.08 4.06
CA LEU B 104 18.82 -35.94 5.16
C LEU B 104 18.59 -37.39 4.75
N SER B 105 18.79 -38.29 5.71
CA SER B 105 18.58 -39.73 5.50
C SER B 105 17.11 -40.08 5.26
N VAL B 106 16.88 -41.29 4.76
CA VAL B 106 15.53 -41.82 4.59
C VAL B 106 14.79 -41.82 5.92
N ARG B 107 15.43 -42.34 6.96
CA ARG B 107 14.84 -42.37 8.30
C ARG B 107 14.39 -41.00 8.76
N ASN B 108 15.25 -40.00 8.58
CA ASN B 108 14.93 -38.65 9.02
C ASN B 108 13.84 -38.01 8.17
N ILE B 109 13.91 -38.19 6.86
CA ILE B 109 12.87 -37.66 5.97
C ILE B 109 11.53 -38.29 6.33
N GLN B 110 11.52 -39.61 6.55
CA GLN B 110 10.31 -40.32 6.95
C GLN B 110 9.60 -39.64 8.14
N HIS B 111 10.37 -39.28 9.16
CA HIS B 111 9.80 -38.65 10.34
C HIS B 111 9.19 -37.28 10.01
N LEU B 112 9.91 -36.48 9.22
CA LEU B 112 9.45 -35.15 8.85
C LEU B 112 8.17 -35.22 8.02
N LEU B 113 8.12 -36.15 7.06
CA LEU B 113 6.90 -36.34 6.25
C LEU B 113 5.71 -36.76 7.10
N SER B 114 5.94 -37.61 8.09
CA SER B 114 4.86 -38.07 8.95
C SER B 114 4.34 -36.96 9.88
N LEU B 115 5.11 -35.90 10.07
CA LEU B 115 4.64 -34.72 10.79
C LEU B 115 3.70 -33.88 9.93
N VAL B 116 4.14 -33.56 8.71
CA VAL B 116 3.42 -32.56 7.91
C VAL B 116 2.46 -33.16 6.88
N THR B 117 2.54 -34.47 6.67
CA THR B 117 1.65 -35.23 5.77
C THR B 117 1.13 -34.37 4.61
N PRO B 118 2.00 -34.07 3.63
CA PRO B 118 1.65 -33.11 2.60
C PRO B 118 0.68 -33.64 1.54
N ARG B 119 -0.05 -32.71 0.96
CA ARG B 119 -0.97 -32.98 -0.14
C ARG B 119 -0.20 -33.22 -1.43
N ILE B 120 0.82 -32.38 -1.67
CA ILE B 120 1.68 -32.48 -2.86
C ILE B 120 3.11 -32.15 -2.43
N ILE B 121 4.08 -32.75 -3.13
CA ILE B 121 5.49 -32.44 -2.92
C ILE B 121 6.18 -32.20 -4.27
N PHE B 122 6.93 -31.10 -4.32
CA PHE B 122 7.76 -30.75 -5.45
C PHE B 122 9.18 -31.16 -5.11
N VAL B 123 9.75 -32.08 -5.88
CA VAL B 123 11.04 -32.68 -5.56
C VAL B 123 11.97 -32.58 -6.77
N GLU B 124 13.24 -32.31 -6.50
CA GLU B 124 14.26 -32.27 -7.54
C GLU B 124 14.57 -33.70 -8.00
N GLU B 125 14.95 -33.86 -9.27
CA GLU B 125 15.32 -35.17 -9.82
C GLU B 125 16.23 -35.96 -8.88
N GLU B 126 17.27 -35.30 -8.38
CA GLU B 126 18.26 -35.93 -7.49
C GLU B 126 17.69 -36.50 -6.19
N SER B 127 16.55 -35.98 -5.72
CA SER B 127 15.95 -36.42 -4.46
C SER B 127 14.69 -37.28 -4.66
N LEU B 128 14.36 -37.61 -5.91
CA LEU B 128 13.12 -38.33 -6.19
C LEU B 128 13.08 -39.67 -5.48
N LYS B 129 14.12 -40.47 -5.63
CA LYS B 129 14.16 -41.79 -4.99
C LYS B 129 14.04 -41.69 -3.47
N LEU B 130 14.78 -40.76 -2.89
CA LEU B 130 14.71 -40.49 -1.45
C LEU B 130 13.27 -40.24 -1.01
N ILE B 131 12.58 -39.38 -1.75
CA ILE B 131 11.19 -39.03 -1.43
C ILE B 131 10.26 -40.22 -1.66
N GLU B 132 10.39 -40.91 -2.79
CA GLU B 132 9.55 -42.08 -3.08
C GLU B 132 9.67 -43.16 -2.01
N LYS B 133 10.90 -43.50 -1.67
CA LYS B 133 11.16 -44.50 -0.63
C LYS B 133 10.65 -44.06 0.74
N SER B 134 10.81 -42.77 1.05
CA SER B 134 10.44 -42.26 2.36
C SER B 134 8.93 -42.20 2.55
N LEU B 135 8.19 -41.79 1.52
CA LEU B 135 6.72 -41.85 1.58
C LEU B 135 6.24 -43.28 1.80
N LYS B 136 6.83 -44.21 1.05
CA LYS B 136 6.42 -45.61 1.14
C LYS B 136 6.74 -46.18 2.52
N GLY B 137 7.91 -45.84 3.06
CA GLY B 137 8.31 -46.30 4.39
C GLY B 137 7.47 -45.70 5.51
N ALA B 138 7.05 -44.45 5.35
CA ALA B 138 6.16 -43.80 6.30
C ALA B 138 4.68 -44.15 6.07
N LYS B 139 4.41 -44.92 5.00
CA LYS B 139 3.06 -45.43 4.67
C LYS B 139 2.09 -44.30 4.32
N LEU B 140 2.64 -43.30 3.63
CA LEU B 140 1.91 -42.10 3.23
C LEU B 140 1.74 -42.07 1.72
N SER B 141 0.59 -41.56 1.27
CA SER B 141 0.40 -41.15 -0.12
C SER B 141 0.63 -39.66 -0.21
N CYS B 142 1.14 -39.22 -1.35
CA CYS B 142 1.39 -37.80 -1.62
C CYS B 142 1.68 -37.68 -3.09
N GLU B 143 1.00 -36.74 -3.74
CA GLU B 143 1.22 -36.52 -5.16
C GLU B 143 2.60 -35.88 -5.36
N ILE B 144 3.39 -36.47 -6.26
CA ILE B 144 4.75 -36.01 -6.54
C ILE B 144 4.85 -35.28 -7.86
N ILE B 145 5.48 -34.12 -7.80
CA ILE B 145 5.77 -33.31 -8.97
C ILE B 145 7.29 -33.08 -9.02
N VAL B 146 7.88 -33.33 -10.18
CA VAL B 146 9.34 -33.29 -10.31
C VAL B 146 9.82 -32.00 -10.99
N PHE B 147 10.83 -31.36 -10.39
CA PHE B 147 11.58 -30.30 -11.06
C PHE B 147 12.49 -30.99 -12.07
N GLY B 148 12.12 -30.90 -13.35
CA GLY B 148 12.92 -31.46 -14.42
C GLY B 148 12.19 -32.54 -15.19
N LYS B 149 12.87 -33.66 -15.38
CA LYS B 149 12.43 -34.73 -16.27
C LYS B 149 11.78 -35.86 -15.48
N SER B 150 10.61 -36.27 -15.92
CA SER B 150 9.96 -37.48 -15.41
C SER B 150 8.96 -38.00 -16.44
N THR B 151 8.88 -39.32 -16.57
CA THR B 151 7.86 -40.00 -17.38
C THR B 151 6.72 -40.44 -16.47
N LYS B 152 7.05 -40.90 -15.26
CA LYS B 152 6.05 -41.41 -14.32
C LYS B 152 5.22 -40.29 -13.66
N HIS B 153 5.88 -39.24 -13.23
CA HIS B 153 5.27 -38.20 -12.42
C HIS B 153 5.07 -36.94 -13.24
N GLY B 154 4.10 -36.12 -12.84
CA GLY B 154 3.96 -34.78 -13.41
C GLY B 154 5.20 -33.95 -13.16
N THR B 155 5.40 -32.94 -14.00
CA THR B 155 6.58 -32.10 -13.93
C THR B 155 6.23 -30.66 -13.57
N PHE B 156 7.21 -29.96 -13.01
CA PHE B 156 7.10 -28.51 -12.80
C PHE B 156 6.83 -27.80 -14.13
N ALA B 157 7.48 -28.23 -15.21
CA ALA B 157 7.25 -27.65 -16.52
C ALA B 157 5.76 -27.67 -16.91
N GLU B 158 5.06 -28.78 -16.62
CA GLU B 158 3.63 -28.86 -16.93
C GLU B 158 2.83 -27.84 -16.13
N MET B 159 3.22 -27.65 -14.87
CA MET B 159 2.50 -26.74 -13.99
C MET B 159 2.63 -25.28 -14.41
N THR B 160 3.67 -24.96 -15.20
CA THR B 160 3.85 -23.60 -15.69
C THR B 160 3.05 -23.32 -16.98
N LEU B 161 2.45 -24.35 -17.58
CA LEU B 161 1.64 -24.14 -18.77
C LEU B 161 0.54 -23.10 -18.52
N PRO B 162 0.35 -22.15 -19.46
CA PRO B 162 -0.74 -21.19 -19.29
C PRO B 162 -2.10 -21.86 -19.47
N CYS B 163 -3.03 -21.56 -18.56
CA CYS B 163 -4.34 -22.22 -18.55
C CYS B 163 -5.23 -21.57 -17.48
N GLY B 164 -6.29 -20.90 -17.90
CA GLY B 164 -7.17 -20.17 -16.99
C GLY B 164 -7.10 -18.67 -17.23
N ASP B 165 -7.71 -17.91 -16.33
CA ASP B 165 -7.76 -16.44 -16.46
C ASP B 165 -6.63 -15.82 -15.66
N GLU B 166 -5.51 -15.56 -16.35
CA GLU B 166 -4.29 -15.09 -15.69
C GLU B 166 -4.39 -13.65 -15.23
N LYS B 167 -5.04 -12.81 -16.04
CA LYS B 167 -5.27 -11.41 -15.68
C LYS B 167 -6.11 -11.31 -14.42
N ALA B 168 -7.13 -12.15 -14.35
CA ALA B 168 -8.11 -12.07 -13.27
C ALA B 168 -7.59 -12.67 -11.96
N PHE B 169 -6.58 -13.54 -12.03
CA PHE B 169 -6.16 -14.25 -10.82
C PHE B 169 -5.73 -13.32 -9.71
N LYS B 170 -6.29 -13.51 -8.52
CA LYS B 170 -5.80 -12.85 -7.34
C LYS B 170 -5.57 -13.88 -6.24
N PRO B 171 -4.63 -13.60 -5.32
CA PRO B 171 -4.41 -14.51 -4.21
C PRO B 171 -5.66 -14.71 -3.38
N SER B 172 -5.86 -15.91 -2.86
CA SER B 172 -7.06 -16.20 -2.07
C SER B 172 -7.03 -15.43 -0.76
N LYS B 173 -8.22 -15.03 -0.31
CA LYS B 173 -8.39 -14.41 0.99
C LYS B 173 -8.14 -15.44 2.06
N THR B 174 -7.60 -15.01 3.19
CA THR B 174 -7.13 -15.93 4.20
C THR B 174 -7.28 -15.37 5.61
N ASP B 175 -7.18 -16.25 6.60
CA ASP B 175 -7.04 -15.84 7.99
C ASP B 175 -5.55 -15.66 8.23
N ILE B 176 -5.14 -14.44 8.54
CA ILE B 176 -3.71 -14.14 8.64
C ILE B 176 -3.04 -14.66 9.91
N ASP B 177 -3.82 -15.25 10.82
CA ASP B 177 -3.26 -15.99 11.94
C ASP B 177 -3.20 -17.49 11.65
N ASP B 178 -3.72 -17.94 10.52
CA ASP B 178 -3.48 -19.32 10.07
C ASP B 178 -2.01 -19.50 9.72
N THR B 179 -1.55 -20.73 9.81
CA THR B 179 -0.17 -21.06 9.47
C THR B 179 0.14 -20.81 7.99
N ALA B 180 1.27 -20.15 7.74
CA ALA B 180 1.71 -19.87 6.37
C ALA B 180 2.98 -20.64 6.00
N VAL B 181 3.92 -20.74 6.92
CA VAL B 181 5.23 -21.35 6.65
C VAL B 181 5.63 -22.19 7.84
N MET B 182 6.25 -23.34 7.58
CA MET B 182 6.74 -24.22 8.64
C MET B 182 8.24 -24.52 8.51
N PHE B 183 8.89 -24.74 9.65
CA PHE B 183 10.31 -25.12 9.70
C PHE B 183 10.45 -26.26 10.71
N PHE B 184 11.40 -27.15 10.49
CA PHE B 184 11.64 -28.25 11.42
C PHE B 184 12.70 -27.86 12.43
N SER B 185 12.46 -28.17 13.69
CA SER B 185 13.41 -27.88 14.77
C SER B 185 14.51 -28.94 14.89
N LEU B 191 12.94 -35.64 19.14
CA LEU B 191 12.65 -35.70 17.71
C LEU B 191 12.21 -34.34 17.19
N PRO B 192 12.60 -34.01 15.95
CA PRO B 192 12.14 -32.75 15.37
C PRO B 192 10.62 -32.58 15.41
N LYS B 193 10.20 -31.31 15.52
CA LYS B 193 8.81 -30.93 15.47
C LYS B 193 8.67 -29.90 14.35
N ALA B 194 7.43 -29.66 13.92
CA ALA B 194 7.16 -28.70 12.85
C ALA B 194 6.71 -27.35 13.42
N ILE B 195 7.64 -26.41 13.49
CA ILE B 195 7.38 -25.04 13.94
C ILE B 195 6.44 -24.35 12.96
N CYS B 196 5.35 -23.76 13.46
CA CYS B 196 4.43 -23.02 12.61
C CYS B 196 4.57 -21.52 12.76
N HIS B 197 4.66 -20.83 11.63
CA HIS B 197 4.58 -19.39 11.59
C HIS B 197 3.36 -19.01 10.78
N SER B 198 2.55 -18.10 11.34
CA SER B 198 1.39 -17.55 10.66
C SER B 198 1.84 -16.57 9.58
N HIS B 199 0.88 -16.13 8.78
CA HIS B 199 1.16 -15.08 7.80
C HIS B 199 1.77 -13.90 8.55
N ARG B 200 1.12 -13.51 9.65
CA ARG B 200 1.57 -12.36 10.43
C ARG B 200 2.95 -12.57 11.06
N SER B 201 3.14 -13.70 11.74
CA SER B 201 4.41 -13.92 12.45
C SER B 201 5.59 -14.05 11.46
N PHE B 202 5.42 -14.80 10.38
CA PHE B 202 6.48 -14.88 9.38
C PHE B 202 6.80 -13.53 8.75
N LEU B 203 5.77 -12.74 8.45
CA LEU B 203 5.98 -11.41 7.88
C LEU B 203 6.67 -10.44 8.85
N GLN B 204 6.49 -10.64 10.16
CA GLN B 204 7.25 -9.86 11.16
C GLN B 204 8.69 -10.34 11.29
N ILE B 205 8.97 -11.62 11.05
CA ILE B 205 10.36 -12.06 10.93
C ILE B 205 11.04 -11.28 9.80
N VAL B 206 10.31 -11.12 8.69
CA VAL B 206 10.84 -10.45 7.51
C VAL B 206 11.01 -8.95 7.76
N GLU B 207 9.95 -8.30 8.26
CA GLU B 207 9.95 -6.85 8.47
C GLU B 207 10.93 -6.41 9.57
N THR B 208 11.01 -7.19 10.65
CA THR B 208 12.00 -6.94 11.69
C THR B 208 13.41 -6.94 11.10
N SER B 209 13.70 -7.93 10.26
CA SER B 209 15.02 -8.04 9.64
C SER B 209 15.32 -6.83 8.72
N PHE B 210 14.28 -6.27 8.11
CA PHE B 210 14.44 -5.04 7.34
C PHE B 210 14.87 -3.87 8.23
N TYR B 211 14.22 -3.70 9.37
CA TYR B 211 14.55 -2.59 10.28
C TYR B 211 15.84 -2.82 11.08
N CYS B 212 16.42 -4.01 11.03
CA CYS B 212 17.77 -4.23 11.56
C CYS B 212 18.78 -3.38 10.78
N GLY B 213 18.44 -3.03 9.54
CA GLY B 213 19.13 -1.97 8.79
C GLY B 213 20.25 -2.40 7.87
N TYR B 214 20.52 -3.71 7.81
CA TYR B 214 21.63 -4.20 6.99
C TYR B 214 21.28 -4.25 5.49
N ASP B 215 22.31 -4.10 4.67
CA ASP B 215 22.16 -3.92 3.23
C ASP B 215 21.86 -5.24 2.53
N CYS B 216 20.73 -5.30 1.83
CA CYS B 216 20.30 -6.52 1.12
C CYS B 216 20.05 -6.30 -0.38
N ARG B 217 20.50 -5.16 -0.91
CA ARG B 217 20.19 -4.81 -2.30
C ARG B 217 20.51 -5.97 -3.24
N SER B 218 21.69 -6.56 -3.06
CA SER B 218 22.06 -7.80 -3.74
C SER B 218 22.74 -8.74 -2.74
N ILE B 219 22.01 -9.77 -2.32
CA ILE B 219 22.46 -10.61 -1.21
C ILE B 219 22.62 -12.06 -1.67
N LEU B 220 23.79 -12.62 -1.36
CA LEU B 220 24.11 -14.01 -1.66
C LEU B 220 23.88 -14.91 -0.46
N HIS B 221 23.37 -16.11 -0.71
CA HIS B 221 23.30 -17.15 0.31
C HIS B 221 23.45 -18.53 -0.30
N PHE B 222 23.78 -19.51 0.55
CA PHE B 222 23.97 -20.89 0.14
C PHE B 222 22.93 -21.83 0.77
N THR B 223 22.28 -21.39 1.85
CA THR B 223 21.34 -22.25 2.55
C THR B 223 20.11 -22.54 1.69
N THR B 224 19.62 -23.77 1.79
CA THR B 224 18.38 -24.15 1.17
C THR B 224 17.20 -23.62 1.98
N MET B 225 16.01 -23.71 1.38
CA MET B 225 14.80 -23.17 1.99
C MET B 225 14.29 -23.98 3.17
N TYR B 226 14.90 -25.14 3.42
CA TYR B 226 14.73 -25.86 4.67
C TYR B 226 15.09 -24.98 5.87
N TRP B 227 16.07 -24.11 5.68
CA TRP B 227 16.58 -23.27 6.75
C TRP B 227 15.85 -21.92 6.80
N ILE B 228 15.61 -21.45 8.01
CA ILE B 228 14.99 -20.14 8.23
C ILE B 228 15.68 -19.02 7.41
N THR B 229 17.02 -19.06 7.32
CA THR B 229 17.77 -18.02 6.60
C THR B 229 17.38 -17.99 5.12
N GLY B 230 17.22 -19.16 4.51
CA GLY B 230 16.79 -19.27 3.12
C GLY B 230 15.46 -18.56 2.87
N MET B 231 14.45 -18.91 3.67
CA MET B 231 13.11 -18.34 3.54
C MET B 231 13.04 -16.87 3.93
N ALA B 232 13.73 -16.50 5.01
CA ALA B 232 13.70 -15.13 5.51
C ALA B 232 14.42 -14.17 4.55
N ILE B 233 15.50 -14.63 3.93
CA ILE B 233 16.18 -13.82 2.93
C ILE B 233 15.29 -13.59 1.71
N LEU B 234 14.60 -14.63 1.24
CA LEU B 234 13.64 -14.46 0.13
C LEU B 234 12.56 -13.44 0.49
N GLY B 235 11.97 -13.58 1.68
CA GLY B 235 10.99 -12.60 2.15
C GLY B 235 11.55 -11.19 2.16
N ARG B 236 12.78 -11.04 2.66
CA ARG B 236 13.43 -9.73 2.83
C ARG B 236 13.79 -9.08 1.50
N THR B 237 14.27 -9.85 0.53
CA THR B 237 14.59 -9.27 -0.78
C THR B 237 13.32 -8.84 -1.54
N PHE B 238 12.27 -9.65 -1.49
CA PHE B 238 10.96 -9.28 -2.07
C PHE B 238 10.45 -7.96 -1.48
N LEU B 239 10.64 -7.79 -0.19
CA LEU B 239 10.09 -6.64 0.54
C LEU B 239 10.42 -5.30 -0.11
N ASP B 240 11.65 -5.11 -0.58
CA ASP B 240 12.00 -3.84 -1.22
C ASP B 240 12.58 -4.03 -2.63
N GLY B 241 12.23 -5.15 -3.26
CA GLY B 241 12.63 -5.38 -4.64
C GLY B 241 14.12 -5.50 -4.82
N SER B 242 14.79 -6.07 -3.81
CA SER B 242 16.22 -6.38 -3.90
C SER B 242 16.42 -7.71 -4.62
N THR B 243 17.69 -8.05 -4.88
CA THR B 243 18.01 -9.24 -5.64
C THR B 243 18.63 -10.31 -4.73
N ARG B 244 18.06 -11.51 -4.76
CA ARG B 244 18.60 -12.67 -4.06
C ARG B 244 19.42 -13.51 -5.02
N VAL B 245 20.66 -13.79 -4.62
CA VAL B 245 21.57 -14.57 -5.44
C VAL B 245 21.92 -15.82 -4.65
N PHE B 246 22.00 -16.95 -5.34
CA PHE B 246 22.31 -18.22 -4.67
C PHE B 246 23.29 -19.03 -5.49
N ALA B 247 24.02 -19.92 -4.82
CA ALA B 247 24.91 -20.88 -5.45
C ALA B 247 24.77 -22.20 -4.69
N ARG B 248 24.96 -23.31 -5.39
CA ARG B 248 24.66 -24.63 -4.82
C ARG B 248 25.66 -25.10 -3.77
N SER B 249 26.91 -24.66 -3.91
CA SER B 249 27.96 -25.09 -3.00
C SER B 249 28.91 -23.94 -2.73
N MET B 250 29.35 -23.81 -1.47
CA MET B 250 30.20 -22.70 -1.08
C MET B 250 31.65 -23.01 -1.35
N GLU B 251 32.29 -22.11 -2.10
CA GLU B 251 33.72 -22.17 -2.39
C GLU B 251 34.30 -20.78 -2.21
N GLY B 252 35.56 -20.71 -1.78
CA GLY B 252 36.19 -19.43 -1.49
C GLY B 252 36.29 -18.52 -2.71
N GLU B 253 36.98 -19.01 -3.74
CA GLU B 253 37.28 -18.22 -4.93
C GLU B 253 36.01 -17.82 -5.66
N LYS B 254 35.18 -18.81 -5.95
CA LYS B 254 33.88 -18.59 -6.61
C LYS B 254 33.05 -17.50 -5.91
N THR B 255 33.02 -17.54 -4.58
CA THR B 255 32.28 -16.54 -3.81
C THR B 255 32.77 -15.12 -4.12
N LEU B 256 34.09 -14.91 -4.13
CA LEU B 256 34.64 -13.58 -4.39
C LEU B 256 34.39 -13.16 -5.85
N GLN B 257 34.47 -14.11 -6.76
CA GLN B 257 34.15 -13.88 -8.17
C GLN B 257 32.71 -13.36 -8.32
N MET B 258 31.77 -13.99 -7.62
CA MET B 258 30.37 -13.56 -7.68
C MET B 258 30.14 -12.17 -7.08
N ILE B 259 30.88 -11.83 -6.02
CA ILE B 259 30.81 -10.49 -5.44
C ILE B 259 31.17 -9.44 -6.50
N GLU B 260 32.26 -9.70 -7.24
CA GLU B 260 32.70 -8.82 -8.32
C GLU B 260 31.71 -8.83 -9.48
N LYS B 261 31.30 -10.02 -9.90
CA LYS B 261 30.44 -10.17 -11.06
C LYS B 261 29.07 -9.48 -10.88
N TYR B 262 28.41 -9.75 -9.76
CA TYR B 262 27.05 -9.30 -9.55
C TYR B 262 26.98 -8.06 -8.66
N LYS B 263 28.12 -7.47 -8.34
CA LYS B 263 28.15 -6.29 -7.46
C LYS B 263 27.38 -6.54 -6.17
N LEU B 264 27.68 -7.66 -5.52
CA LEU B 264 26.98 -8.04 -4.29
C LEU B 264 27.25 -7.01 -3.19
N THR B 265 26.20 -6.63 -2.47
CA THR B 265 26.33 -5.79 -1.28
C THR B 265 26.48 -6.61 -0.02
N SER B 266 25.91 -7.82 -0.01
CA SER B 266 25.98 -8.66 1.18
C SER B 266 25.93 -10.16 0.90
N LEU B 267 26.30 -10.93 1.93
CA LEU B 267 26.17 -12.36 1.89
C LEU B 267 25.97 -12.87 3.30
N PHE B 268 25.20 -13.93 3.43
CA PHE B 268 25.07 -14.63 4.67
C PHE B 268 25.74 -15.99 4.57
N VAL B 269 26.54 -16.32 5.56
CA VAL B 269 27.12 -17.65 5.64
C VAL B 269 27.50 -17.99 7.09
N ALA B 270 27.36 -19.27 7.48
CA ALA B 270 27.75 -19.72 8.80
C ALA B 270 29.26 -19.58 8.99
N PRO B 271 29.72 -19.34 10.23
CA PRO B 271 31.15 -19.10 10.49
C PRO B 271 32.11 -20.15 9.91
N ILE B 272 31.73 -21.41 9.94
CA ILE B 272 32.64 -22.48 9.50
C ILE B 272 32.99 -22.38 8.01
N TYR B 273 32.10 -21.78 7.21
CA TYR B 273 32.38 -21.55 5.79
C TYR B 273 33.28 -20.35 5.53
N THR B 274 33.37 -19.42 6.50
CA THR B 274 34.18 -18.22 6.31
C THR B 274 35.67 -18.52 6.23
N TYR B 275 36.09 -19.70 6.70
CA TYR B 275 37.49 -20.09 6.56
C TYR B 275 37.87 -20.28 5.10
N GLN B 276 36.92 -20.71 4.27
CA GLN B 276 37.18 -20.84 2.85
C GLN B 276 37.42 -19.48 2.19
N LEU B 277 36.78 -18.43 2.70
CA LEU B 277 37.01 -17.07 2.21
C LEU B 277 38.40 -16.56 2.59
N THR B 278 38.75 -16.64 3.87
CA THR B 278 40.02 -16.08 4.36
C THR B 278 41.25 -16.86 3.88
N ASN B 279 41.05 -18.08 3.39
CA ASN B 279 42.15 -18.87 2.86
C ASN B 279 42.29 -18.81 1.32
N VAL B 280 41.56 -17.88 0.69
CA VAL B 280 41.82 -17.56 -0.71
C VAL B 280 43.10 -16.73 -0.80
N PRO B 281 44.09 -17.17 -1.59
CA PRO B 281 45.29 -16.36 -1.76
C PRO B 281 45.02 -15.16 -2.68
N ASN B 282 45.61 -14.02 -2.34
CA ASN B 282 45.54 -12.82 -3.19
C ASN B 282 44.13 -12.36 -3.54
N PRO B 283 43.30 -12.06 -2.51
CA PRO B 283 41.94 -11.61 -2.74
C PRO B 283 41.82 -10.22 -3.40
N GLU B 284 42.88 -9.42 -3.34
CA GLU B 284 42.88 -8.06 -3.92
C GLU B 284 42.77 -8.07 -5.44
N ARG B 285 43.08 -9.22 -6.05
CA ARG B 285 42.91 -9.37 -7.48
C ARG B 285 41.44 -9.41 -7.92
N TYR B 286 40.51 -9.42 -6.96
CA TYR B 286 39.08 -9.27 -7.23
C TYR B 286 38.61 -7.88 -6.81
N ASP B 287 37.62 -7.34 -7.52
CA ASP B 287 36.98 -6.08 -7.14
C ASP B 287 35.85 -6.36 -6.17
N LEU B 288 36.01 -5.90 -4.93
CA LEU B 288 35.08 -6.16 -3.85
C LEU B 288 34.46 -4.87 -3.31
N SER B 289 34.57 -3.77 -4.05
CA SER B 289 34.15 -2.46 -3.57
C SER B 289 32.64 -2.36 -3.33
N SER B 290 31.84 -3.09 -4.09
CA SER B 290 30.38 -3.11 -3.88
C SER B 290 29.97 -3.70 -2.52
N PHE B 291 30.82 -4.55 -1.95
CA PHE B 291 30.47 -5.32 -0.76
C PHE B 291 30.38 -4.45 0.49
N ARG B 292 29.25 -4.53 1.19
CA ARG B 292 28.99 -3.73 2.39
C ARG B 292 28.76 -4.52 3.67
N CYS B 293 28.27 -5.75 3.56
CA CYS B 293 27.80 -6.47 4.74
C CYS B 293 27.98 -7.98 4.69
N LEU B 294 28.83 -8.51 5.57
CA LEU B 294 28.89 -9.95 5.74
C LEU B 294 28.08 -10.36 6.96
N LEU B 295 27.01 -11.10 6.72
CA LEU B 295 26.11 -11.55 7.75
C LEU B 295 26.49 -12.96 8.16
N THR B 296 26.64 -13.20 9.45
CA THR B 296 27.04 -14.52 9.93
C THR B 296 26.52 -14.79 11.32
N GLY B 297 26.58 -16.05 11.73
CA GLY B 297 26.15 -16.47 13.06
C GLY B 297 25.61 -17.88 13.04
N GLY B 298 25.18 -18.35 14.21
CA GLY B 298 24.63 -19.72 14.33
C GLY B 298 25.56 -20.59 15.14
N THR B 299 26.86 -20.31 15.05
CA THR B 299 27.87 -20.91 15.92
C THR B 299 28.87 -19.79 16.26
N PRO B 300 29.65 -19.95 17.33
CA PRO B 300 30.56 -18.86 17.72
C PRO B 300 31.64 -18.55 16.68
N MET B 301 32.04 -17.27 16.59
CA MET B 301 33.18 -16.84 15.76
C MET B 301 34.28 -16.24 16.62
N SER B 302 35.51 -16.72 16.44
CA SER B 302 36.67 -16.19 17.16
C SER B 302 37.00 -14.78 16.71
N THR B 303 37.52 -13.97 17.62
CA THR B 303 38.06 -12.66 17.26
C THR B 303 39.12 -12.77 16.15
N ASP B 304 39.96 -13.80 16.21
CA ASP B 304 40.98 -14.04 15.18
C ASP B 304 40.35 -14.05 13.78
N GLN B 305 39.31 -14.86 13.62
CA GLN B 305 38.66 -15.02 12.33
C GLN B 305 37.82 -13.79 11.97
N TYR B 306 37.17 -13.21 12.96
CA TYR B 306 36.44 -11.96 12.78
C TYR B 306 37.34 -10.89 12.17
N LYS B 307 38.54 -10.75 12.70
CA LYS B 307 39.48 -9.75 12.21
C LYS B 307 39.99 -10.06 10.81
N LYS B 308 40.31 -11.31 10.53
CA LYS B 308 40.70 -11.68 9.16
C LYS B 308 39.61 -11.30 8.16
N LEU B 309 38.35 -11.47 8.56
CA LEU B 309 37.23 -11.12 7.69
C LEU B 309 37.12 -9.60 7.48
N THR B 310 37.39 -8.82 8.50
CA THR B 310 37.37 -7.36 8.36
C THR B 310 38.52 -6.87 7.47
N GLN B 311 39.65 -7.57 7.48
CA GLN B 311 40.79 -7.23 6.62
C GLN B 311 40.50 -7.59 5.17
N LEU B 312 39.80 -8.71 4.98
CA LEU B 312 39.46 -9.19 3.64
C LEU B 312 38.42 -8.28 2.97
N PHE B 313 37.49 -7.74 3.77
CA PHE B 313 36.45 -6.85 3.29
C PHE B 313 36.53 -5.52 4.03
N PRO B 314 37.61 -4.76 3.78
CA PRO B 314 37.85 -3.51 4.56
C PRO B 314 36.82 -2.40 4.33
N LYS B 315 36.08 -2.45 3.22
CA LYS B 315 35.02 -1.49 2.94
C LYS B 315 33.64 -1.96 3.43
N ALA B 316 33.58 -3.14 4.04
CA ALA B 316 32.33 -3.69 4.54
C ALA B 316 32.34 -3.80 6.07
N GLN B 317 31.18 -4.17 6.63
CA GLN B 317 31.07 -4.52 8.04
C GLN B 317 30.75 -6.00 8.16
N VAL B 318 31.28 -6.64 9.19
CA VAL B 318 30.94 -8.02 9.52
C VAL B 318 29.96 -7.99 10.69
N LEU B 319 28.76 -8.53 10.46
CA LEU B 319 27.69 -8.50 11.46
C LEU B 319 27.38 -9.91 11.93
N PHE B 320 27.86 -10.24 13.13
CA PHE B 320 27.54 -11.49 13.79
C PHE B 320 26.20 -11.31 14.51
N GLY B 321 25.20 -12.08 14.10
CA GLY B 321 23.88 -12.02 14.71
C GLY B 321 23.50 -13.31 15.43
N TYR B 322 22.34 -13.27 16.09
CA TYR B 322 21.81 -14.39 16.85
C TYR B 322 20.33 -14.51 16.58
N GLY B 323 19.88 -15.70 16.24
CA GLY B 323 18.45 -15.94 15.99
C GLY B 323 18.10 -17.41 15.96
N MET B 324 16.83 -17.69 15.69
CA MET B 324 16.34 -19.05 15.62
C MET B 324 15.07 -19.17 14.78
N SER B 325 14.77 -20.40 14.40
CA SER B 325 13.60 -20.71 13.57
C SER B 325 12.29 -20.26 14.22
N GLU B 326 12.25 -20.30 15.54
CA GLU B 326 11.03 -20.03 16.30
C GLU B 326 10.61 -18.55 16.29
N ILE B 327 11.53 -17.64 15.96
CA ILE B 327 11.26 -16.23 16.11
C ILE B 327 12.05 -15.31 15.17
N GLY B 328 12.99 -15.86 14.41
CA GLY B 328 13.81 -15.05 13.53
C GLY B 328 15.01 -14.45 14.23
N LEU B 329 15.35 -13.23 13.84
CA LEU B 329 16.56 -12.57 14.30
C LEU B 329 16.31 -11.91 15.66
N LEU B 330 17.17 -12.22 16.63
CA LEU B 330 16.99 -11.78 18.01
C LEU B 330 17.94 -10.66 18.42
N SER B 331 19.19 -10.74 17.96
CA SER B 331 20.14 -9.67 18.20
C SER B 331 21.15 -9.57 17.08
N ILE B 332 21.65 -8.35 16.90
CA ILE B 332 22.60 -8.00 15.84
C ILE B 332 22.93 -6.51 16.02
N PHE B 333 24.11 -6.09 15.59
CA PHE B 333 24.46 -4.66 15.64
C PHE B 333 23.86 -3.94 14.44
N HIS B 334 23.37 -2.72 14.66
CA HIS B 334 22.87 -1.88 13.58
C HIS B 334 24.06 -1.22 12.91
N PRO B 335 24.16 -1.32 11.58
CA PRO B 335 25.40 -0.91 10.89
C PRO B 335 25.76 0.59 11.05
N GLU B 336 24.77 1.48 11.06
CA GLU B 336 25.01 2.91 11.33
C GLU B 336 25.01 3.24 12.83
N ASP B 337 23.88 2.97 13.51
CA ASP B 337 23.70 3.28 14.93
C ASP B 337 24.77 2.70 15.88
N ASP B 338 25.23 1.49 15.60
CA ASP B 338 26.18 0.79 16.47
C ASP B 338 27.57 0.63 15.85
N LYS B 339 27.93 1.46 14.87
CA LYS B 339 29.18 1.26 14.10
C LYS B 339 30.48 1.30 14.91
N HIS B 340 30.35 1.62 16.18
CA HIS B 340 31.46 1.82 17.11
C HIS B 340 31.60 0.60 18.02
N LEU B 341 30.46 0.05 18.45
CA LEU B 341 30.44 -1.20 19.20
C LEU B 341 30.93 -2.34 18.32
N ILE B 342 30.57 -2.28 17.03
CA ILE B 342 31.01 -3.27 16.04
C ILE B 342 32.54 -3.34 15.93
N ASP B 343 33.22 -2.21 16.17
CA ASP B 343 34.68 -2.15 16.08
C ASP B 343 35.39 -2.23 17.44
N THR B 344 34.70 -2.68 18.48
CA THR B 344 35.31 -2.77 19.82
C THR B 344 34.83 -3.98 20.63
N LYS B 345 33.53 -4.25 20.62
CA LYS B 345 32.96 -5.33 21.43
C LYS B 345 33.39 -6.70 20.89
N VAL B 346 33.97 -7.53 21.75
CA VAL B 346 34.38 -8.88 21.36
C VAL B 346 33.43 -9.89 21.97
N GLY B 347 33.13 -10.94 21.22
CA GLY B 347 32.31 -12.05 21.71
C GLY B 347 30.81 -11.81 21.79
N SER B 348 30.35 -10.64 21.34
CA SER B 348 28.94 -10.27 21.45
C SER B 348 28.12 -10.74 20.24
N CYS B 349 26.81 -10.88 20.46
CA CYS B 349 25.84 -11.15 19.40
C CYS B 349 25.03 -9.91 19.00
N GLY B 350 25.52 -8.74 19.38
CA GLY B 350 24.84 -7.48 19.07
C GLY B 350 23.83 -7.08 20.12
N LYS B 351 22.95 -6.16 19.73
CA LYS B 351 21.87 -5.66 20.57
C LYS B 351 20.53 -6.21 20.07
N VAL B 352 19.53 -6.17 20.95
CA VAL B 352 18.22 -6.74 20.65
C VAL B 352 17.68 -6.16 19.36
N SER B 353 17.01 -6.99 18.57
CA SER B 353 16.49 -6.53 17.27
C SER B 353 15.23 -5.68 17.48
N PRO B 354 14.84 -4.89 16.45
CA PRO B 354 13.69 -4.00 16.63
C PRO B 354 12.40 -4.70 17.04
N ARG B 355 11.63 -4.05 17.91
CA ARG B 355 10.34 -4.54 18.40
C ARG B 355 10.41 -5.90 19.09
N THR B 356 11.53 -6.19 19.73
CA THR B 356 11.76 -7.44 20.42
C THR B 356 12.08 -7.17 21.90
N LEU B 357 11.56 -8.03 22.76
CA LEU B 357 11.89 -8.01 24.17
C LEU B 357 12.82 -9.16 24.47
N LEU B 358 13.84 -8.89 25.29
CA LEU B 358 14.79 -9.91 25.70
C LEU B 358 15.09 -9.77 27.18
N LYS B 359 14.94 -10.88 27.90
CA LYS B 359 15.27 -10.92 29.31
C LYS B 359 16.12 -12.16 29.60
N ILE B 360 16.82 -12.09 30.73
CA ILE B 360 17.61 -13.20 31.26
C ILE B 360 16.96 -13.58 32.57
N VAL B 361 16.64 -14.87 32.74
CA VAL B 361 15.95 -15.34 33.94
C VAL B 361 16.80 -16.33 34.73
N ASN B 362 16.78 -16.18 36.06
CA ASN B 362 17.32 -17.20 36.95
C ASN B 362 16.23 -18.24 37.15
N PRO B 363 16.49 -19.50 36.78
CA PRO B 363 15.46 -20.54 36.95
C PRO B 363 15.06 -20.79 38.41
N ASP B 364 16.00 -20.61 39.34
CA ASP B 364 15.79 -20.96 40.75
C ASP B 364 14.55 -20.30 41.38
N ASN B 365 14.36 -19.01 41.13
CA ASN B 365 13.16 -18.31 41.58
C ASN B 365 12.39 -17.61 40.45
N GLU B 366 12.71 -17.96 39.20
CA GLU B 366 12.10 -17.34 38.02
C GLU B 366 12.23 -15.83 38.06
N GLU B 367 13.36 -15.35 38.58
CA GLU B 367 13.59 -13.93 38.74
C GLU B 367 14.47 -13.41 37.61
N ILE B 368 13.96 -12.39 36.92
CA ILE B 368 14.76 -11.60 35.98
C ILE B 368 16.03 -11.09 36.66
N VAL B 369 17.12 -10.99 35.89
CA VAL B 369 18.40 -10.53 36.43
C VAL B 369 18.99 -9.35 35.66
N GLY B 370 19.98 -8.70 36.27
CA GLY B 370 20.63 -7.51 35.73
C GLY B 370 21.78 -7.84 34.82
N PRO B 371 22.54 -6.81 34.38
CA PRO B 371 23.65 -7.04 33.43
C PRO B 371 24.80 -7.82 34.03
N ASN B 372 25.57 -8.48 33.16
CA ASN B 372 26.70 -9.32 33.58
C ASN B 372 26.29 -10.45 34.53
N GLN B 373 25.04 -10.86 34.43
CA GLN B 373 24.51 -11.99 35.19
C GLN B 373 23.98 -13.05 34.24
N LYS B 374 24.70 -14.17 34.12
CA LYS B 374 24.29 -15.23 33.21
C LYS B 374 23.01 -15.90 33.69
N GLY B 375 22.14 -16.26 32.74
CA GLY B 375 20.92 -16.98 33.06
C GLY B 375 20.24 -17.40 31.77
N GLU B 376 19.00 -17.85 31.87
CA GLU B 376 18.27 -18.35 30.69
C GLU B 376 17.74 -17.20 29.84
N LEU B 377 18.12 -17.19 28.55
CA LEU B 377 17.62 -16.18 27.61
C LEU B 377 16.19 -16.44 27.20
N ARG B 378 15.35 -15.43 27.34
CA ARG B 378 13.96 -15.50 26.89
C ARG B 378 13.59 -14.27 26.09
N VAL B 379 12.79 -14.46 25.04
CA VAL B 379 12.49 -13.39 24.11
C VAL B 379 11.01 -13.34 23.75
N LYS B 380 10.57 -12.16 23.30
CA LYS B 380 9.18 -11.96 22.94
C LYS B 380 9.03 -10.93 21.83
N SER B 381 8.25 -11.27 20.81
CA SER B 381 7.86 -10.34 19.76
C SER B 381 6.69 -10.93 18.96
N ASP B 382 6.14 -10.09 18.08
CA ASP B 382 5.11 -10.50 17.15
C ASP B 382 5.62 -11.44 16.06
N ALA B 383 6.94 -11.67 16.02
CA ALA B 383 7.54 -12.63 15.09
C ALA B 383 7.59 -14.06 15.65
N MET B 384 7.05 -14.26 16.85
CA MET B 384 7.11 -15.56 17.50
C MET B 384 6.24 -16.58 16.81
N MET B 385 6.71 -17.82 16.75
CA MET B 385 5.94 -18.95 16.25
C MET B 385 4.60 -19.07 16.98
N THR B 386 3.59 -19.56 16.28
CA THR B 386 2.26 -19.72 16.88
C THR B 386 2.15 -21.06 17.59
N GLY B 387 3.01 -22.02 17.25
CA GLY B 387 2.98 -23.34 17.88
C GLY B 387 3.57 -24.38 16.98
N TYR B 388 3.39 -25.66 17.32
CA TYR B 388 3.80 -26.75 16.46
C TYR B 388 2.58 -27.26 15.71
N TYR B 389 2.83 -27.95 14.61
CA TYR B 389 1.76 -28.47 13.77
C TYR B 389 1.06 -29.66 14.45
N ARG B 390 1.84 -30.55 15.07
CA ARG B 390 1.29 -31.77 15.72
C ARG B 390 1.47 -31.82 17.23
N ASN B 391 2.37 -31.03 17.79
CA ASN B 391 2.69 -31.16 19.20
C ASN B 391 2.23 -29.98 20.02
N ASP B 392 2.19 -30.17 21.33
CA ASP B 392 1.94 -29.08 22.27
C ASP B 392 3.19 -28.24 22.30
N SER B 393 3.00 -26.94 22.41
CA SER B 393 4.08 -25.98 22.54
C SER B 393 4.00 -25.20 23.85
N ALA B 394 3.14 -25.63 24.77
CA ALA B 394 2.94 -24.92 26.04
C ALA B 394 4.24 -24.62 26.77
N GLU B 395 5.13 -25.60 26.76
CA GLU B 395 6.37 -25.53 27.52
C GLU B 395 7.44 -24.68 26.84
N CYS B 396 7.18 -24.23 25.61
CA CYS B 396 8.08 -23.31 24.94
C CYS B 396 7.98 -21.88 25.47
N PHE B 397 6.95 -21.59 26.27
CA PHE B 397 6.71 -20.23 26.75
C PHE B 397 6.54 -20.21 28.26
N ASP B 398 7.01 -19.13 28.89
CA ASP B 398 6.90 -18.98 30.35
C ASP B 398 5.60 -18.26 30.73
N GLY B 399 5.44 -17.96 32.02
CA GLY B 399 4.23 -17.33 32.53
C GLY B 399 3.84 -16.04 31.83
N ASP B 400 4.84 -15.27 31.40
CA ASP B 400 4.63 -14.00 30.72
C ASP B 400 4.55 -14.13 29.21
N GLY B 401 4.54 -15.35 28.68
CA GLY B 401 4.45 -15.58 27.24
C GLY B 401 5.72 -15.34 26.45
N PHE B 402 6.85 -15.24 27.14
CA PHE B 402 8.18 -15.18 26.49
C PHE B 402 8.58 -16.57 25.98
N LEU B 403 9.21 -16.60 24.81
CA LEU B 403 9.81 -17.84 24.29
C LEU B 403 11.08 -18.17 25.08
N LYS B 404 11.13 -19.40 25.60
CA LYS B 404 12.35 -19.95 26.19
C LYS B 404 13.29 -20.40 25.09
N THR B 405 14.42 -19.72 24.92
CA THR B 405 15.32 -20.05 23.82
C THR B 405 16.01 -21.38 24.01
N GLY B 406 16.16 -21.80 25.27
CA GLY B 406 17.03 -22.91 25.62
C GLY B 406 18.50 -22.52 25.76
N ASP B 407 18.82 -21.24 25.57
CA ASP B 407 20.21 -20.77 25.63
C ASP B 407 20.51 -20.09 26.96
N ILE B 408 21.78 -20.18 27.37
CA ILE B 408 22.30 -19.45 28.51
C ILE B 408 23.12 -18.26 28.00
N GLY B 409 22.97 -17.12 28.66
CA GLY B 409 23.75 -15.94 28.29
C GLY B 409 23.56 -14.80 29.26
N TYR B 410 24.08 -13.64 28.88
CA TYR B 410 23.94 -12.42 29.68
C TYR B 410 24.01 -11.20 28.77
N TYR B 411 23.69 -10.03 29.31
CA TYR B 411 23.84 -8.78 28.57
C TYR B 411 24.74 -7.78 29.30
N ASP B 412 25.39 -6.92 28.49
CA ASP B 412 26.21 -5.77 28.94
C ASP B 412 25.42 -4.66 29.60
N ASP B 413 26.16 -3.75 30.24
CA ASP B 413 25.62 -2.44 30.65
C ASP B 413 25.15 -1.62 29.45
N ASP B 414 25.84 -1.75 28.32
CA ASP B 414 25.42 -1.14 27.07
C ASP B 414 24.37 -1.95 26.28
N GLY B 415 23.81 -3.00 26.87
CA GLY B 415 22.78 -3.81 26.21
C GLY B 415 23.26 -4.81 25.17
N CYS B 416 24.58 -4.98 25.03
CA CYS B 416 25.13 -6.00 24.15
C CYS B 416 24.87 -7.40 24.71
N VAL B 417 24.47 -8.32 23.84
CA VAL B 417 24.01 -9.66 24.21
C VAL B 417 25.10 -10.71 24.01
N TYR B 418 25.24 -11.60 25.00
CA TYR B 418 26.27 -12.66 24.97
C TYR B 418 25.64 -14.02 25.21
N VAL B 419 25.84 -14.94 24.28
CA VAL B 419 25.36 -16.32 24.41
C VAL B 419 26.54 -17.20 24.79
N ILE B 420 26.37 -18.00 25.84
CA ILE B 420 27.42 -18.87 26.35
C ILE B 420 27.24 -20.30 25.83
N GLU B 421 26.12 -20.91 26.16
CA GLU B 421 25.87 -22.32 25.84
C GLU B 421 24.37 -22.63 25.90
N ARG B 422 24.04 -23.90 25.68
CA ARG B 422 22.69 -24.41 25.92
C ARG B 422 22.49 -24.71 27.40
N ILE B 423 21.24 -24.79 27.82
CA ILE B 423 20.89 -25.01 29.23
C ILE B 423 21.30 -26.41 29.70
#